data_1Y2E
#
_entry.id   1Y2E
#
_cell.length_a   60.880
_cell.length_b   79.442
_cell.length_c   164.265
_cell.angle_alpha   90.00
_cell.angle_beta   90.00
_cell.angle_gamma   90.00
#
_symmetry.space_group_name_H-M   'P 21 21 21'
#
loop_
_entity.id
_entity.type
_entity.pdbx_description
1 polymer "cAMP-specific 3',5'-cyclic phosphodiesterase 4D"
2 non-polymer 'ZINC ION'
3 non-polymer 'MAGNESIUM ION'
4 non-polymer '1-(4-AMINOPHENYL)-3,5-DIMETHYL-1H-PYRAZOLE-4-CARBOXYLIC ACID ETHYL ESTER'
5 non-polymer 1,2-ETHANEDIOL
6 water water
#
_entity_poly.entity_id   1
_entity_poly.type   'polypeptide(L)'
_entity_poly.pdbx_seq_one_letter_code
;MGSSHHHHHHSSGLVPRGSHMTEQEDVLAKELEDVNKWGLHVFRIAELSGNRPLTVIMHTIFQERDLLKTFKIPVDTLIT
YLMTLEDHYHADVAYHNNIHAADVVQSTHVLLSTPALEAVFTDLEILAAIFASAIHDVDHPGVSNQFLINTNSELALMYN
DSSVLENHHLAVGFKLLQEENCDIFQNLTKKQRQSLRKMVIDIVLATDMSKHMNLLADLKTMVETKKVTSSGVLLLDNYS
DRIQVLQNMVHCADLSNPTKPLQLYRQWTDRIMEEFFRQGDRERERGMEISPMCDKHNASVEKSQVGFIDYIVHPLWETW
ADLVHPDAQDILDTLEDNREWYQSTIPQS
;
_entity_poly.pdbx_strand_id   A,B
#
loop_
_chem_comp.id
_chem_comp.type
_chem_comp.name
_chem_comp.formula
5DE non-polymer '1-(4-AMINOPHENYL)-3,5-DIMETHYL-1H-PYRAZOLE-4-CARBOXYLIC ACID ETHYL ESTER' 'C14 H17 N3 O2'
EDO non-polymer 1,2-ETHANEDIOL 'C2 H6 O2'
MG non-polymer 'MAGNESIUM ION' 'Mg 2'
ZN non-polymer 'ZINC ION' 'Zn 2'
#
# COMPACT_ATOMS: atom_id res chain seq x y z
N THR A 22 31.59 5.03 -35.02
CA THR A 22 31.86 6.49 -35.20
C THR A 22 32.62 7.04 -33.99
N GLU A 23 32.97 8.32 -34.04
CA GLU A 23 33.67 9.00 -32.94
C GLU A 23 32.77 9.07 -31.69
N GLN A 24 31.47 9.24 -31.91
CA GLN A 24 30.49 9.33 -30.84
C GLN A 24 30.42 8.04 -30.01
N GLU A 25 30.39 6.90 -30.71
CA GLU A 25 30.34 5.59 -30.07
C GLU A 25 31.61 5.30 -29.28
N ASP A 26 32.74 5.79 -29.80
CA ASP A 26 34.04 5.59 -29.17
C ASP A 26 34.15 6.39 -27.87
N VAL A 27 33.71 7.65 -27.90
CA VAL A 27 33.75 8.52 -26.73
C VAL A 27 32.75 8.02 -25.67
N LEU A 28 31.63 7.43 -26.11
CA LEU A 28 30.63 6.88 -25.20
C LEU A 28 31.23 5.70 -24.43
N ALA A 29 31.92 4.81 -25.13
CA ALA A 29 32.56 3.64 -24.53
C ALA A 29 33.65 4.03 -23.54
N LYS A 30 34.29 5.18 -23.80
CA LYS A 30 35.33 5.73 -22.92
C LYS A 30 34.72 6.26 -21.61
N GLU A 31 33.57 6.93 -21.72
CA GLU A 31 32.89 7.46 -20.54
C GLU A 31 32.36 6.31 -19.68
N LEU A 32 31.89 5.25 -20.33
CA LEU A 32 31.34 4.08 -19.64
C LEU A 32 32.39 3.31 -18.86
N GLU A 33 33.66 3.50 -19.18
CA GLU A 33 34.76 2.88 -18.42
C GLU A 33 34.78 3.33 -16.96
N ASP A 34 34.14 4.46 -16.67
CA ASP A 34 34.03 4.99 -15.31
C ASP A 34 32.78 4.52 -14.55
N VAL A 35 32.14 3.45 -15.02
CA VAL A 35 30.88 2.98 -14.42
C VAL A 35 31.00 2.56 -12.95
N ASN A 36 32.20 2.18 -12.54
CA ASN A 36 32.43 1.77 -11.16
C ASN A 36 32.86 2.94 -10.27
N LYS A 37 32.83 4.16 -10.79
CA LYS A 37 33.28 5.34 -10.04
C LYS A 37 32.15 6.30 -9.65
N TRP A 38 32.29 6.87 -8.46
CA TRP A 38 31.37 7.86 -7.95
C TRP A 38 31.73 9.13 -8.70
N GLY A 39 30.78 9.68 -9.44
CA GLY A 39 31.04 10.88 -10.22
C GLY A 39 31.07 10.63 -11.72
N LEU A 40 30.51 9.50 -12.15
CA LEU A 40 30.39 9.21 -13.57
C LEU A 40 29.70 10.40 -14.25
N HIS A 41 30.14 10.71 -15.47
CA HIS A 41 29.60 11.83 -16.26
C HIS A 41 28.29 11.42 -16.92
N VAL A 42 27.24 11.31 -16.12
CA VAL A 42 25.93 10.81 -16.56
C VAL A 42 25.19 11.70 -17.59
N PHE A 43 25.37 13.01 -17.50
CA PHE A 43 24.77 13.95 -18.45
C PHE A 43 25.44 13.82 -19.81
N ARG A 44 26.75 13.68 -19.81
CA ARG A 44 27.52 13.49 -21.04
C ARG A 44 27.08 12.17 -21.70
N ILE A 45 26.96 11.11 -20.89
CA ILE A 45 26.51 9.82 -21.39
C ILE A 45 25.12 9.92 -22.02
N ALA A 46 24.23 10.69 -21.41
CA ALA A 46 22.89 10.88 -21.93
C ALA A 46 22.95 11.48 -23.34
N GLU A 47 23.77 12.52 -23.51
CA GLU A 47 23.97 13.18 -24.81
C GLU A 47 24.55 12.27 -25.89
N LEU A 48 25.63 11.57 -25.56
CA LEU A 48 26.34 10.72 -26.52
C LEU A 48 25.56 9.48 -26.96
N SER A 49 24.61 9.03 -26.14
CA SER A 49 23.86 7.82 -26.43
C SER A 49 22.50 8.07 -27.11
N GLY A 50 22.24 9.31 -27.51
CA GLY A 50 20.98 9.67 -28.14
C GLY A 50 19.83 9.64 -27.12
N ASN A 51 20.09 10.17 -25.93
CA ASN A 51 19.14 10.13 -24.79
C ASN A 51 18.75 8.70 -24.32
N ARG A 52 19.72 7.81 -24.25
CA ARG A 52 19.50 6.45 -23.74
C ARG A 52 20.43 6.10 -22.58
N PRO A 53 20.61 7.02 -21.61
CA PRO A 53 21.52 6.74 -20.50
C PRO A 53 21.09 5.57 -19.64
N LEU A 54 19.78 5.34 -19.49
CA LEU A 54 19.31 4.23 -18.65
C LEU A 54 19.61 2.90 -19.32
N THR A 55 19.37 2.85 -20.61
CA THR A 55 19.59 1.63 -21.38
C THR A 55 21.07 1.23 -21.40
N VAL A 56 21.95 2.17 -21.71
CA VAL A 56 23.38 1.84 -21.87
C VAL A 56 24.11 1.61 -20.54
N ILE A 57 23.71 2.30 -19.49
CA ILE A 57 24.33 2.11 -18.17
C ILE A 57 23.88 0.81 -17.55
N MET A 58 22.60 0.45 -17.73
CA MET A 58 22.07 -0.80 -17.19
C MET A 58 22.74 -1.98 -17.90
N HIS A 59 22.84 -1.87 -19.23
CA HIS A 59 23.47 -2.88 -20.05
C HIS A 59 24.92 -3.09 -19.64
N THR A 60 25.64 -1.99 -19.47
CA THR A 60 27.04 -2.02 -19.06
C THR A 60 27.21 -2.68 -17.68
N ILE A 61 26.33 -2.33 -16.73
CA ILE A 61 26.40 -2.86 -15.36
C ILE A 61 26.08 -4.36 -15.34
N PHE A 62 25.07 -4.75 -16.14
CA PHE A 62 24.67 -6.16 -16.25
C PHE A 62 25.82 -7.01 -16.80
N GLN A 63 26.57 -6.49 -17.77
CA GLN A 63 27.73 -7.23 -18.31
C GLN A 63 28.86 -7.27 -17.26
N GLU A 64 29.09 -6.15 -16.58
CA GLU A 64 30.14 -6.03 -15.56
C GLU A 64 29.97 -7.03 -14.39
N ARG A 65 28.72 -7.21 -13.96
CA ARG A 65 28.39 -8.12 -12.86
C ARG A 65 28.08 -9.54 -13.34
N ASP A 66 28.17 -9.77 -14.66
CA ASP A 66 27.93 -11.07 -15.26
C ASP A 66 26.47 -11.54 -15.05
N LEU A 67 25.56 -10.58 -14.95
CA LEU A 67 24.15 -10.87 -14.66
C LEU A 67 23.35 -11.57 -15.78
N LEU A 68 23.79 -11.47 -17.04
CA LEU A 68 23.08 -12.13 -18.15
C LEU A 68 23.29 -13.65 -18.12
N LYS A 69 24.53 -14.07 -17.94
CA LYS A 69 24.85 -15.50 -17.88
C LYS A 69 24.32 -16.12 -16.59
N THR A 70 24.41 -15.40 -15.48
CA THR A 70 23.94 -15.92 -14.19
C THR A 70 22.43 -16.18 -14.23
N PHE A 71 21.65 -15.25 -14.77
CA PHE A 71 20.20 -15.42 -14.82
C PHE A 71 19.63 -15.78 -16.19
N LYS A 72 20.53 -16.18 -17.10
CA LYS A 72 20.15 -16.58 -18.46
C LYS A 72 19.20 -15.58 -19.13
N ILE A 73 19.60 -14.32 -19.11
CA ILE A 73 18.84 -13.25 -19.71
C ILE A 73 19.32 -13.09 -21.15
N PRO A 74 18.46 -13.39 -22.14
CA PRO A 74 18.85 -13.17 -23.54
C PRO A 74 19.15 -11.69 -23.71
N VAL A 75 20.25 -11.36 -24.38
CA VAL A 75 20.68 -9.97 -24.51
C VAL A 75 19.66 -9.10 -25.25
N ASP A 76 19.03 -9.65 -26.29
CA ASP A 76 18.02 -8.90 -27.04
C ASP A 76 16.81 -8.59 -26.12
N THR A 77 16.48 -9.53 -25.23
CA THR A 77 15.37 -9.35 -24.28
C THR A 77 15.66 -8.19 -23.33
N LEU A 78 16.90 -8.13 -22.82
CA LEU A 78 17.29 -7.07 -21.90
C LEU A 78 17.15 -5.70 -22.57
N ILE A 79 17.78 -5.54 -23.73
CA ILE A 79 17.74 -4.27 -24.45
C ILE A 79 16.31 -3.84 -24.76
N THR A 80 15.46 -4.76 -25.18
CA THR A 80 14.07 -4.43 -25.52
C THR A 80 13.29 -3.92 -24.30
N TYR A 81 13.46 -4.57 -23.15
CA TYR A 81 12.78 -4.12 -21.93
C TYR A 81 13.28 -2.75 -21.48
N LEU A 82 14.61 -2.57 -21.48
CA LEU A 82 15.25 -1.33 -21.04
C LEU A 82 14.86 -0.12 -21.90
N MET A 83 14.77 -0.33 -23.21
CA MET A 83 14.37 0.75 -24.13
C MET A 83 12.91 1.10 -23.88
N THR A 84 12.09 0.08 -23.63
CA THR A 84 10.69 0.29 -23.30
C THR A 84 10.56 1.02 -21.98
N LEU A 85 11.28 0.57 -20.95
CA LEU A 85 11.28 1.20 -19.64
C LEU A 85 11.65 2.68 -19.73
N GLU A 86 12.73 2.95 -20.45
CA GLU A 86 13.26 4.30 -20.61
C GLU A 86 12.25 5.21 -21.33
N ASP A 87 11.50 4.64 -22.27
CA ASP A 87 10.45 5.38 -23.02
C ASP A 87 9.31 5.83 -22.12
N HIS A 88 9.14 5.17 -20.97
CA HIS A 88 8.08 5.50 -20.01
C HIS A 88 8.48 6.51 -18.94
N TYR A 89 9.72 7.00 -19.01
CA TYR A 89 10.17 8.15 -18.22
C TYR A 89 9.88 9.34 -19.15
N HIS A 90 9.39 10.46 -18.62
CA HIS A 90 8.97 11.61 -19.46
C HIS A 90 10.13 12.54 -19.81
N ALA A 91 10.25 12.82 -21.09
CA ALA A 91 11.28 13.72 -21.62
C ALA A 91 11.10 15.18 -21.15
N ASP A 92 9.85 15.62 -21.03
CA ASP A 92 9.57 16.99 -20.57
C ASP A 92 9.57 17.21 -19.04
N VAL A 93 10.01 16.21 -18.27
CA VAL A 93 10.12 16.34 -16.81
C VAL A 93 11.61 16.56 -16.55
N ALA A 94 11.93 17.72 -15.99
CA ALA A 94 13.29 18.17 -15.78
C ALA A 94 14.18 17.36 -14.84
N TYR A 95 13.64 16.84 -13.73
CA TYR A 95 14.47 16.06 -12.82
C TYR A 95 14.16 14.55 -12.83
N HIS A 96 12.92 14.20 -12.52
CA HIS A 96 12.50 12.80 -12.47
C HIS A 96 12.30 12.19 -13.85
N ASN A 97 13.42 11.91 -14.52
CA ASN A 97 13.42 11.38 -15.87
C ASN A 97 14.43 10.23 -16.01
N ASN A 98 14.69 9.79 -17.24
CA ASN A 98 15.62 8.68 -17.50
C ASN A 98 17.05 8.89 -17.02
N ILE A 99 17.47 10.16 -16.95
CA ILE A 99 18.81 10.52 -16.45
C ILE A 99 18.88 10.28 -14.94
N HIS A 100 17.84 10.71 -14.21
CA HIS A 100 17.80 10.49 -12.78
C HIS A 100 17.80 8.99 -12.47
N ALA A 101 17.03 8.22 -13.25
CA ALA A 101 16.98 6.76 -13.10
C ALA A 101 18.35 6.14 -13.36
N ALA A 102 19.00 6.53 -14.46
CA ALA A 102 20.32 5.99 -14.79
C ALA A 102 21.34 6.29 -13.66
N ASP A 103 21.22 7.47 -13.07
CA ASP A 103 22.10 7.94 -11.98
C ASP A 103 21.92 7.13 -10.68
N VAL A 104 20.67 6.83 -10.32
CA VAL A 104 20.40 6.08 -9.09
C VAL A 104 20.86 4.62 -9.28
N VAL A 105 20.64 4.08 -10.48
CA VAL A 105 21.12 2.76 -10.84
C VAL A 105 22.63 2.66 -10.65
N GLN A 106 23.36 3.60 -11.25
CA GLN A 106 24.83 3.59 -11.21
C GLN A 106 25.37 3.85 -9.80
N SER A 107 24.66 4.70 -9.04
CA SER A 107 25.06 5.00 -7.68
C SER A 107 24.85 3.76 -6.81
N THR A 108 23.75 3.05 -7.05
CA THR A 108 23.48 1.81 -6.32
C THR A 108 24.56 0.78 -6.62
N HIS A 109 24.95 0.73 -7.89
CA HIS A 109 25.99 -0.19 -8.37
C HIS A 109 27.31 0.03 -7.64
N VAL A 110 27.71 1.28 -7.44
CA VAL A 110 28.93 1.61 -6.73
C VAL A 110 28.81 1.26 -5.23
N LEU A 111 27.66 1.51 -4.61
CA LEU A 111 27.46 1.22 -3.19
C LEU A 111 27.48 -0.27 -2.89
N LEU A 112 27.01 -1.08 -3.84
CA LEU A 112 27.02 -2.54 -3.71
C LEU A 112 28.46 -3.08 -3.64
N SER A 113 29.41 -2.39 -4.30
CA SER A 113 30.82 -2.81 -4.31
C SER A 113 31.65 -2.27 -3.13
N THR A 114 30.97 -1.73 -2.11
CA THR A 114 31.63 -1.22 -0.92
C THR A 114 32.34 -2.39 -0.19
N PRO A 115 33.63 -2.25 0.14
CA PRO A 115 34.36 -3.33 0.84
C PRO A 115 33.63 -3.93 2.06
N ALA A 116 32.99 -3.10 2.88
CA ALA A 116 32.24 -3.59 4.04
C ALA A 116 31.03 -4.50 3.67
N LEU A 117 30.60 -4.47 2.42
CA LEU A 117 29.49 -5.29 1.93
C LEU A 117 29.95 -6.43 1.00
N GLU A 118 31.26 -6.68 0.96
CA GLU A 118 31.85 -7.69 0.08
C GLU A 118 31.30 -9.07 0.40
N ALA A 119 30.70 -9.70 -0.62
CA ALA A 119 30.13 -11.04 -0.53
C ALA A 119 28.94 -11.11 0.45
N VAL A 120 28.35 -9.98 0.79
CA VAL A 120 27.25 -9.97 1.75
C VAL A 120 25.94 -10.36 1.06
N PHE A 121 25.63 -9.73 -0.06
CA PHE A 121 24.40 -10.01 -0.80
C PHE A 121 24.59 -11.03 -1.92
N THR A 122 23.55 -11.83 -2.17
CA THR A 122 23.55 -12.83 -3.24
C THR A 122 23.30 -12.14 -4.57
N ASP A 123 23.44 -12.91 -5.65
CA ASP A 123 23.23 -12.39 -7.00
C ASP A 123 21.78 -11.94 -7.15
N LEU A 124 20.85 -12.65 -6.51
CA LEU A 124 19.43 -12.28 -6.60
C LEU A 124 19.12 -10.92 -5.94
N GLU A 125 19.76 -10.63 -4.82
CA GLU A 125 19.58 -9.39 -4.08
C GLU A 125 20.26 -8.23 -4.82
N ILE A 126 21.35 -8.51 -5.54
CA ILE A 126 22.04 -7.49 -6.33
C ILE A 126 21.17 -7.12 -7.55
N LEU A 127 20.50 -8.11 -8.14
CA LEU A 127 19.62 -7.87 -9.28
C LEU A 127 18.39 -7.07 -8.84
N ALA A 128 17.84 -7.43 -7.68
CA ALA A 128 16.70 -6.75 -7.09
C ALA A 128 17.00 -5.28 -6.85
N ALA A 129 18.15 -4.97 -6.23
CA ALA A 129 18.52 -3.58 -5.92
C ALA A 129 18.76 -2.73 -7.18
N ILE A 130 19.38 -3.31 -8.19
CA ILE A 130 19.64 -2.61 -9.45
C ILE A 130 18.38 -2.42 -10.28
N PHE A 131 17.55 -3.46 -10.38
CA PHE A 131 16.29 -3.39 -11.13
C PHE A 131 15.33 -2.37 -10.46
N ALA A 132 15.31 -2.37 -9.14
CA ALA A 132 14.46 -1.46 -8.36
C ALA A 132 14.88 -0.01 -8.61
N SER A 133 16.19 0.22 -8.65
CA SER A 133 16.73 1.55 -8.90
C SER A 133 16.32 2.01 -10.32
N ALA A 134 16.26 1.06 -11.25
CA ALA A 134 15.95 1.35 -12.64
C ALA A 134 14.50 1.81 -12.87
N ILE A 135 13.59 1.20 -12.12
CA ILE A 135 12.15 1.51 -12.25
C ILE A 135 11.63 2.46 -11.19
N HIS A 136 12.45 2.80 -10.19
CA HIS A 136 11.94 3.52 -9.00
C HIS A 136 11.13 4.80 -9.21
N ASP A 137 11.28 5.46 -10.36
CA ASP A 137 10.51 6.67 -10.66
C ASP A 137 9.84 6.64 -12.01
N VAL A 138 9.67 5.47 -12.61
CA VAL A 138 9.11 5.43 -13.96
C VAL A 138 7.71 6.03 -14.04
N ASP A 139 7.47 6.76 -15.13
CA ASP A 139 6.21 7.44 -15.42
C ASP A 139 5.89 8.57 -14.43
N HIS A 140 6.93 9.17 -13.84
CA HIS A 140 6.76 10.29 -12.93
C HIS A 140 6.22 11.51 -13.68
N PRO A 141 5.10 12.09 -13.23
CA PRO A 141 4.53 13.25 -13.91
C PRO A 141 5.12 14.61 -13.47
N GLY A 142 6.13 14.65 -12.61
CA GLY A 142 6.73 15.90 -12.17
C GLY A 142 6.04 16.67 -11.04
N VAL A 143 5.10 16.02 -10.35
CA VAL A 143 4.43 16.64 -9.22
C VAL A 143 4.51 15.67 -8.04
N SER A 144 4.41 16.18 -6.84
CA SER A 144 4.59 15.37 -5.64
C SER A 144 3.35 14.60 -5.23
N ASN A 145 3.52 13.69 -4.27
CA ASN A 145 2.41 12.96 -3.71
C ASN A 145 1.34 13.88 -3.16
N GLN A 146 1.74 14.87 -2.36
CA GLN A 146 0.80 15.79 -1.74
C GLN A 146 0.00 16.59 -2.78
N PHE A 147 0.65 16.94 -3.87
CA PHE A 147 -0.01 17.65 -4.95
C PHE A 147 -1.09 16.75 -5.52
N LEU A 148 -0.72 15.51 -5.85
CA LEU A 148 -1.69 14.54 -6.40
C LEU A 148 -2.88 14.32 -5.45
N ILE A 149 -2.62 14.27 -4.14
CA ILE A 149 -3.70 14.14 -3.15
C ILE A 149 -4.61 15.39 -3.10
N ASN A 150 -4.01 16.57 -3.03
CA ASN A 150 -4.76 17.83 -2.90
C ASN A 150 -5.60 18.17 -4.14
N THR A 151 -5.22 17.67 -5.30
CA THR A 151 -5.93 17.94 -6.56
C THR A 151 -6.94 16.85 -6.90
N ASN A 152 -7.21 15.95 -5.95
CA ASN A 152 -8.14 14.85 -6.13
C ASN A 152 -7.87 14.11 -7.44
N SER A 153 -6.62 13.70 -7.62
CA SER A 153 -6.17 13.04 -8.84
C SER A 153 -6.60 11.56 -8.89
N GLU A 154 -6.56 10.98 -10.08
CA GLU A 154 -6.92 9.58 -10.27
C GLU A 154 -5.85 8.69 -9.65
N LEU A 155 -4.60 9.12 -9.63
CA LEU A 155 -3.56 8.32 -8.98
C LEU A 155 -3.84 8.17 -7.47
N ALA A 156 -4.11 9.27 -6.78
CA ALA A 156 -4.35 9.23 -5.33
C ALA A 156 -5.65 8.50 -4.99
N LEU A 157 -6.66 8.63 -5.86
CA LEU A 157 -7.91 7.91 -5.74
C LEU A 157 -7.65 6.39 -5.83
N MET A 158 -6.76 5.99 -6.74
CA MET A 158 -6.39 4.59 -6.95
C MET A 158 -5.63 3.98 -5.76
N TYR A 159 -4.72 4.75 -5.18
CA TYR A 159 -3.79 4.25 -4.17
C TYR A 159 -4.07 4.73 -2.75
N ASN A 160 -5.27 5.30 -2.56
CA ASN A 160 -5.74 5.69 -1.24
C ASN A 160 -4.79 6.59 -0.45
N ASP A 161 -4.20 7.57 -1.14
CA ASP A 161 -3.31 8.59 -0.55
C ASP A 161 -1.94 8.09 0.02
N SER A 162 -1.64 6.78 0.01
CA SER A 162 -0.36 6.31 0.56
C SER A 162 0.68 5.91 -0.55
N SER A 163 1.89 6.45 -0.44
CA SER A 163 2.95 6.24 -1.43
C SER A 163 2.32 6.16 -2.83
N VAL A 164 1.55 7.19 -3.20
CA VAL A 164 0.81 7.19 -4.47
C VAL A 164 1.74 6.97 -5.70
N LEU A 165 2.77 7.81 -5.83
CA LEU A 165 3.75 7.71 -6.92
C LEU A 165 4.53 6.40 -6.92
N GLU A 166 5.02 6.00 -5.73
CA GLU A 166 5.85 4.81 -5.58
C GLU A 166 5.14 3.50 -5.97
N ASN A 167 3.88 3.36 -5.56
CA ASN A 167 3.05 2.22 -5.93
C ASN A 167 2.87 2.24 -7.47
N HIS A 168 2.72 3.42 -8.05
CA HIS A 168 2.55 3.55 -9.49
C HIS A 168 3.83 3.16 -10.26
N HIS A 169 4.98 3.64 -9.80
CA HIS A 169 6.27 3.35 -10.45
C HIS A 169 6.51 1.82 -10.47
N LEU A 170 6.10 1.15 -9.40
CA LEU A 170 6.23 -0.30 -9.28
C LEU A 170 5.31 -1.00 -10.30
N ALA A 171 4.03 -0.60 -10.33
CA ALA A 171 3.08 -1.20 -11.23
C ALA A 171 3.55 -1.11 -12.69
N VAL A 172 3.96 0.07 -13.14
CA VAL A 172 4.43 0.24 -14.52
C VAL A 172 5.72 -0.55 -14.80
N GLY A 173 6.68 -0.52 -13.88
CA GLY A 173 7.94 -1.24 -14.05
C GLY A 173 7.74 -2.73 -14.24
N PHE A 174 6.85 -3.32 -13.44
CA PHE A 174 6.49 -4.73 -13.56
C PHE A 174 5.56 -5.02 -14.75
N LYS A 175 4.61 -4.15 -15.04
CA LYS A 175 3.68 -4.40 -16.16
C LYS A 175 4.43 -4.47 -17.48
N LEU A 176 5.47 -3.64 -17.61
CA LEU A 176 6.25 -3.57 -18.85
C LEU A 176 6.99 -4.86 -19.22
N LEU A 177 7.25 -5.71 -18.21
CA LEU A 177 7.87 -7.03 -18.42
C LEU A 177 7.02 -7.97 -19.28
N GLN A 178 5.71 -7.71 -19.33
CA GLN A 178 4.76 -8.50 -20.12
C GLN A 178 4.67 -8.08 -21.59
N GLU A 179 5.34 -7.00 -21.99
CA GLU A 179 5.32 -6.60 -23.40
C GLU A 179 6.14 -7.62 -24.21
N GLU A 180 6.00 -7.59 -25.52
CA GLU A 180 6.68 -8.57 -26.38
C GLU A 180 8.20 -8.56 -26.21
N ASN A 181 8.76 -9.73 -25.88
CA ASN A 181 10.20 -9.92 -25.68
C ASN A 181 10.78 -8.97 -24.63
N CYS A 182 10.05 -8.79 -23.53
CA CYS A 182 10.49 -7.92 -22.43
C CYS A 182 10.72 -8.62 -21.09
N ASP A 183 10.33 -9.89 -20.95
CA ASP A 183 10.48 -10.57 -19.65
C ASP A 183 11.91 -11.04 -19.38
N ILE A 184 12.70 -10.16 -18.80
CA ILE A 184 14.11 -10.45 -18.51
C ILE A 184 14.29 -11.52 -17.41
N PHE A 185 13.22 -11.81 -16.67
CA PHE A 185 13.25 -12.80 -15.59
C PHE A 185 12.71 -14.18 -15.98
N GLN A 186 12.45 -14.38 -17.27
CA GLN A 186 11.85 -15.64 -17.79
C GLN A 186 12.55 -16.94 -17.39
N ASN A 187 13.87 -16.89 -17.16
CA ASN A 187 14.64 -18.08 -16.80
C ASN A 187 14.94 -18.18 -15.30
N LEU A 188 14.22 -17.41 -14.49
CA LEU A 188 14.36 -17.49 -13.04
C LEU A 188 13.33 -18.51 -12.62
N THR A 189 13.60 -19.21 -11.51
CA THR A 189 12.65 -20.16 -10.96
C THR A 189 11.48 -19.37 -10.37
N LYS A 190 10.36 -20.04 -10.16
CA LYS A 190 9.18 -19.41 -9.58
C LYS A 190 9.51 -18.77 -8.22
N LYS A 191 10.31 -19.46 -7.42
CA LYS A 191 10.71 -18.94 -6.10
C LYS A 191 11.63 -17.71 -6.22
N GLN A 192 12.56 -17.74 -7.17
CA GLN A 192 13.46 -16.62 -7.43
C GLN A 192 12.62 -15.38 -7.89
N ARG A 193 11.61 -15.61 -8.71
CA ARG A 193 10.74 -14.54 -9.20
C ARG A 193 9.94 -13.93 -8.06
N GLN A 194 9.36 -14.78 -7.21
CA GLN A 194 8.62 -14.32 -6.04
C GLN A 194 9.49 -13.48 -5.11
N SER A 195 10.71 -13.96 -4.86
CA SER A 195 11.63 -13.29 -3.92
C SER A 195 12.11 -11.95 -4.45
N LEU A 196 12.52 -11.90 -5.71
CA LEU A 196 12.90 -10.66 -6.36
C LEU A 196 11.76 -9.64 -6.33
N ARG A 197 10.56 -10.07 -6.70
CA ARG A 197 9.40 -9.17 -6.70
C ARG A 197 9.16 -8.55 -5.32
N LYS A 198 9.14 -9.37 -4.27
CA LYS A 198 8.98 -8.86 -2.91
C LYS A 198 10.07 -7.83 -2.55
N MET A 199 11.33 -8.15 -2.86
CA MET A 199 12.43 -7.25 -2.55
C MET A 199 12.32 -5.94 -3.31
N VAL A 200 11.98 -5.99 -4.58
CA VAL A 200 11.85 -4.77 -5.37
C VAL A 200 10.74 -3.89 -4.82
N ILE A 201 9.60 -4.49 -4.46
CA ILE A 201 8.47 -3.71 -3.92
C ILE A 201 8.92 -3.03 -2.61
N ASP A 202 9.55 -3.80 -1.72
CA ASP A 202 10.06 -3.29 -0.45
C ASP A 202 11.03 -2.10 -0.63
N ILE A 203 11.88 -2.16 -1.64
CA ILE A 203 12.88 -1.13 -1.89
C ILE A 203 12.27 0.14 -2.50
N VAL A 204 11.44 -0.01 -3.51
CA VAL A 204 10.82 1.18 -4.13
C VAL A 204 9.88 1.91 -3.17
N LEU A 205 9.11 1.19 -2.37
CA LEU A 205 8.24 1.86 -1.39
C LEU A 205 9.07 2.69 -0.39
N ALA A 206 10.30 2.24 -0.12
CA ALA A 206 11.19 2.95 0.80
C ALA A 206 11.77 4.26 0.25
N THR A 207 11.57 4.58 -1.05
CA THR A 207 12.03 5.84 -1.67
C THR A 207 11.07 7.01 -1.50
N ASP A 208 9.92 6.75 -0.88
CA ASP A 208 8.92 7.75 -0.53
C ASP A 208 9.53 8.47 0.67
N MET A 209 9.71 9.79 0.52
CA MET A 209 10.36 10.61 1.56
C MET A 209 9.61 10.63 2.90
N SER A 210 8.30 10.39 2.89
CA SER A 210 7.55 10.30 4.15
C SER A 210 8.02 9.13 5.03
N LYS A 211 8.79 8.21 4.48
CA LYS A 211 9.36 7.07 5.23
C LYS A 211 10.81 7.32 5.70
N HIS A 212 11.42 8.42 5.25
CA HIS A 212 12.82 8.77 5.57
C HIS A 212 13.18 8.74 7.06
N MET A 213 12.37 9.36 7.91
CA MET A 213 12.71 9.44 9.33
C MET A 213 12.75 8.06 10.02
N ASN A 214 11.81 7.19 9.67
CA ASN A 214 11.75 5.83 10.25
C ASN A 214 12.87 4.93 9.75
N LEU A 215 13.22 5.05 8.46
CA LEU A 215 14.34 4.29 7.89
C LEU A 215 15.62 4.64 8.61
N LEU A 216 15.86 5.94 8.75
CA LEU A 216 17.07 6.47 9.39
C LEU A 216 17.21 6.02 10.84
N ALA A 217 16.12 6.07 11.59
CA ALA A 217 16.13 5.64 12.97
C ALA A 217 16.51 4.16 13.07
N ASP A 218 15.92 3.31 12.23
CA ASP A 218 16.26 1.88 12.26
C ASP A 218 17.70 1.66 11.77
N LEU A 219 18.16 2.48 10.81
CA LEU A 219 19.54 2.40 10.33
C LEU A 219 20.53 2.70 11.48
N LYS A 220 20.19 3.70 12.30
CA LYS A 220 21.03 4.07 13.45
C LYS A 220 21.03 2.95 14.48
N THR A 221 19.87 2.31 14.67
CA THR A 221 19.74 1.20 15.61
C THR A 221 20.64 0.04 15.18
N MET A 222 20.67 -0.25 13.88
CA MET A 222 21.52 -1.31 13.34
C MET A 222 22.99 -0.97 13.55
N VAL A 223 23.32 0.30 13.36
CA VAL A 223 24.69 0.79 13.53
C VAL A 223 25.21 0.56 14.96
N GLU A 224 24.35 0.66 15.96
CA GLU A 224 24.72 0.48 17.38
C GLU A 224 24.96 -0.99 17.73
N THR A 225 24.14 -1.87 17.16
CA THR A 225 24.19 -3.31 17.40
C THR A 225 24.99 -4.04 16.32
N LYS A 226 25.63 -3.26 15.45
CA LYS A 226 26.44 -3.72 14.33
C LYS A 226 27.42 -4.87 14.66
N LYS A 227 27.34 -5.96 13.89
CA LYS A 227 28.26 -7.11 14.03
C LYS A 227 29.05 -7.24 12.73
N VAL A 228 30.38 -7.38 12.83
CA VAL A 228 31.23 -7.55 11.64
C VAL A 228 32.35 -8.57 11.85
N THR A 229 32.99 -8.99 10.75
CA THR A 229 34.13 -9.90 10.81
C THR A 229 35.34 -9.08 11.26
N SER A 230 36.51 -9.73 11.34
CA SER A 230 37.75 -9.02 11.72
C SER A 230 38.20 -8.00 10.65
N SER A 231 37.77 -8.22 9.40
CA SER A 231 38.06 -7.30 8.28
C SER A 231 37.01 -6.19 8.13
N GLY A 232 36.02 -6.18 9.01
CA GLY A 232 34.98 -5.15 8.99
C GLY A 232 33.87 -5.38 7.97
N VAL A 233 33.61 -6.63 7.63
CA VAL A 233 32.55 -6.98 6.69
C VAL A 233 31.24 -7.17 7.45
N LEU A 234 30.15 -6.60 6.93
CA LEU A 234 28.83 -6.69 7.58
C LEU A 234 28.27 -8.10 7.62
N LEU A 235 27.86 -8.55 8.81
CA LEU A 235 27.23 -9.85 9.03
C LEU A 235 25.72 -9.62 9.12
N LEU A 236 24.98 -9.95 8.06
CA LEU A 236 23.52 -9.75 7.99
C LEU A 236 22.81 -11.08 7.68
N ASP A 237 22.23 -11.73 8.70
CA ASP A 237 21.65 -13.04 8.46
C ASP A 237 20.18 -13.17 8.05
N ASN A 238 19.27 -12.40 8.66
CA ASN A 238 17.84 -12.52 8.29
C ASN A 238 17.37 -11.48 7.29
N TYR A 239 16.18 -11.72 6.75
CA TYR A 239 15.62 -10.86 5.74
C TYR A 239 15.45 -9.42 6.19
N SER A 240 14.83 -9.24 7.36
CA SER A 240 14.60 -7.92 7.96
C SER A 240 15.85 -7.00 7.95
N ASP A 241 16.99 -7.54 8.38
CA ASP A 241 18.24 -6.78 8.36
C ASP A 241 18.75 -6.54 6.94
N ARG A 242 18.70 -7.56 6.08
CA ARG A 242 19.23 -7.44 4.72
C ARG A 242 18.42 -6.47 3.84
N ILE A 243 17.10 -6.57 3.91
CA ILE A 243 16.23 -5.68 3.13
C ILE A 243 16.36 -4.25 3.68
N GLN A 244 16.57 -4.12 4.98
CA GLN A 244 16.73 -2.78 5.58
C GLN A 244 17.96 -2.05 5.00
N VAL A 245 19.07 -2.77 4.85
CA VAL A 245 20.29 -2.19 4.32
C VAL A 245 20.13 -1.84 2.84
N LEU A 246 19.49 -2.72 2.07
CA LEU A 246 19.23 -2.46 0.65
C LEU A 246 18.26 -1.29 0.45
N GLN A 247 17.26 -1.15 1.32
CA GLN A 247 16.33 -0.05 1.24
C GLN A 247 17.08 1.28 1.47
N ASN A 248 17.91 1.32 2.51
CA ASN A 248 18.68 2.51 2.82
C ASN A 248 19.74 2.76 1.75
N MET A 249 20.24 1.70 1.13
CA MET A 249 21.24 1.86 0.06
C MET A 249 20.67 2.61 -1.14
N VAL A 250 19.53 2.16 -1.64
CA VAL A 250 18.87 2.83 -2.78
C VAL A 250 18.36 4.20 -2.37
N HIS A 251 17.95 4.34 -1.11
CA HIS A 251 17.49 5.62 -0.57
C HIS A 251 18.66 6.61 -0.57
N CYS A 252 19.83 6.13 -0.16
CA CYS A 252 21.05 6.93 -0.19
C CYS A 252 21.39 7.32 -1.64
N ALA A 253 21.24 6.37 -2.57
CA ALA A 253 21.49 6.64 -4.00
C ALA A 253 20.53 7.71 -4.53
N ASP A 254 19.28 7.64 -4.08
CA ASP A 254 18.24 8.60 -4.47
C ASP A 254 18.59 10.01 -3.94
N LEU A 255 19.24 10.05 -2.79
CA LEU A 255 19.67 11.29 -2.11
C LEU A 255 21.19 11.50 -2.23
N SER A 256 21.76 11.13 -3.38
CA SER A 256 23.20 11.20 -3.62
C SER A 256 23.71 12.45 -4.35
N ASN A 257 22.80 13.24 -4.94
CA ASN A 257 23.21 14.42 -5.73
C ASN A 257 24.20 15.36 -5.01
N PRO A 258 23.92 15.76 -3.76
CA PRO A 258 24.84 16.65 -3.05
C PRO A 258 26.18 16.03 -2.68
N THR A 259 26.35 14.71 -2.84
CA THR A 259 27.62 14.03 -2.54
C THR A 259 28.51 13.83 -3.78
N LYS A 260 28.03 14.26 -4.94
CA LYS A 260 28.75 14.13 -6.20
C LYS A 260 29.56 15.39 -6.45
N PRO A 261 30.56 15.33 -7.34
CA PRO A 261 31.32 16.53 -7.70
C PRO A 261 30.37 17.69 -7.99
N LEU A 262 30.74 18.89 -7.53
CA LEU A 262 29.91 20.10 -7.63
C LEU A 262 29.27 20.36 -8.99
N GLN A 263 30.03 20.16 -10.06
CA GLN A 263 29.56 20.37 -11.42
C GLN A 263 28.30 19.54 -11.72
N LEU A 264 28.27 18.30 -11.20
CA LEU A 264 27.10 17.42 -11.38
C LEU A 264 25.92 17.87 -10.47
N TYR A 265 26.22 18.10 -9.21
CA TYR A 265 25.24 18.54 -8.20
C TYR A 265 24.48 19.79 -8.63
N ARG A 266 25.20 20.79 -9.12
CA ARG A 266 24.57 22.03 -9.54
C ARG A 266 23.59 21.81 -10.68
N GLN A 267 23.89 20.86 -11.56
CA GLN A 267 22.98 20.52 -12.67
C GLN A 267 21.71 19.88 -12.16
N TRP A 268 21.85 19.01 -11.16
CA TRP A 268 20.70 18.34 -10.52
C TRP A 268 19.86 19.38 -9.80
N THR A 269 20.52 20.31 -9.12
CA THR A 269 19.83 21.38 -8.43
C THR A 269 19.00 22.23 -9.39
N ASP A 270 19.56 22.55 -10.54
CA ASP A 270 18.88 23.34 -11.57
C ASP A 270 17.64 22.63 -12.09
N ARG A 271 17.75 21.31 -12.22
CA ARG A 271 16.64 20.51 -12.72
C ARG A 271 15.50 20.36 -11.69
N ILE A 272 15.83 20.10 -10.42
CA ILE A 272 14.78 19.94 -9.39
C ILE A 272 14.03 21.26 -9.18
N MET A 273 14.77 22.38 -9.16
CA MET A 273 14.15 23.70 -9.01
C MET A 273 13.22 23.96 -10.20
N GLU A 274 13.66 23.61 -11.41
CA GLU A 274 12.78 23.81 -12.57
C GLU A 274 11.50 22.96 -12.46
N GLU A 275 11.63 21.74 -11.93
CA GLU A 275 10.47 20.86 -11.77
C GLU A 275 9.51 21.44 -10.72
N PHE A 276 10.05 21.75 -9.55
CA PHE A 276 9.32 22.34 -8.42
C PHE A 276 8.61 23.66 -8.83
N PHE A 277 9.27 24.52 -9.63
CA PHE A 277 8.65 25.78 -10.06
C PHE A 277 7.45 25.52 -10.98
N ARG A 278 7.55 24.49 -11.82
CA ARG A 278 6.42 24.10 -12.68
C ARG A 278 5.23 23.63 -11.84
N GLN A 279 5.49 22.90 -10.75
CA GLN A 279 4.42 22.45 -9.87
C GLN A 279 3.81 23.68 -9.21
N GLY A 280 4.67 24.56 -8.72
CA GLY A 280 4.22 25.80 -8.10
C GLY A 280 3.39 26.65 -9.04
N ASP A 281 3.73 26.64 -10.34
CA ASP A 281 2.95 27.38 -11.34
C ASP A 281 1.55 26.77 -11.49
N ARG A 282 1.46 25.45 -11.34
CA ARG A 282 0.16 24.79 -11.40
C ARG A 282 -0.68 25.12 -10.17
N GLU A 283 -0.01 25.15 -9.01
CA GLU A 283 -0.66 25.44 -7.74
C GLU A 283 -1.19 26.87 -7.70
N ARG A 284 -0.44 27.82 -8.28
CA ARG A 284 -0.84 29.23 -8.30
C ARG A 284 -2.10 29.50 -9.12
N GLU A 285 -2.19 28.88 -10.30
CA GLU A 285 -3.35 29.06 -11.18
C GLU A 285 -4.61 28.32 -10.72
N ARG A 286 -4.45 27.37 -9.79
CA ARG A 286 -5.57 26.64 -9.20
C ARG A 286 -6.05 27.33 -7.92
N GLY A 287 -5.27 28.29 -7.42
CA GLY A 287 -5.57 29.00 -6.20
C GLY A 287 -5.12 28.25 -4.95
N MET A 288 -4.11 27.39 -5.09
CA MET A 288 -3.62 26.58 -3.98
C MET A 288 -2.45 27.25 -3.26
N GLU A 289 -2.23 26.86 -2.01
CA GLU A 289 -1.06 27.34 -1.27
C GLU A 289 0.13 26.71 -1.99
N ILE A 290 1.10 27.52 -2.40
CA ILE A 290 2.26 27.04 -3.14
C ILE A 290 3.23 26.29 -2.22
N SER A 291 3.54 25.05 -2.57
CA SER A 291 4.42 24.18 -1.75
C SER A 291 5.83 24.76 -1.53
N PRO A 292 6.52 24.29 -0.48
CA PRO A 292 7.90 24.71 -0.19
C PRO A 292 8.85 24.52 -1.39
N MET A 293 9.66 25.53 -1.68
CA MET A 293 10.60 25.53 -2.81
C MET A 293 9.96 25.54 -4.19
N CYS A 294 8.65 25.73 -4.28
CA CYS A 294 7.97 25.73 -5.58
C CYS A 294 7.56 27.11 -6.08
N ASP A 295 7.84 28.16 -5.29
CA ASP A 295 7.51 29.53 -5.68
C ASP A 295 8.71 30.24 -6.29
N LYS A 296 8.69 30.36 -7.62
CA LYS A 296 9.78 31.02 -8.36
C LYS A 296 9.94 32.51 -7.98
N HIS A 297 8.86 33.13 -7.53
CA HIS A 297 8.88 34.55 -7.14
C HIS A 297 9.34 34.83 -5.70
N ASN A 298 9.46 33.79 -4.87
CA ASN A 298 9.88 33.92 -3.48
C ASN A 298 10.78 32.75 -3.06
N ALA A 299 11.80 32.46 -3.86
CA ALA A 299 12.70 31.33 -3.59
C ALA A 299 14.03 31.75 -2.99
N SER A 300 14.71 30.78 -2.39
CA SER A 300 16.06 30.95 -1.83
C SER A 300 16.79 29.64 -2.11
N VAL A 301 17.19 29.47 -3.37
CA VAL A 301 17.78 28.25 -3.87
C VAL A 301 18.99 27.76 -3.03
N GLU A 302 19.85 28.68 -2.65
CA GLU A 302 21.08 28.36 -1.94
C GLU A 302 20.79 27.98 -0.48
N LYS A 303 19.93 28.75 0.18
CA LYS A 303 19.55 28.43 1.56
C LYS A 303 18.86 27.08 1.62
N SER A 304 17.99 26.80 0.64
CA SER A 304 17.27 25.53 0.58
C SER A 304 18.23 24.35 0.43
N GLN A 305 19.30 24.51 -0.35
CA GLN A 305 20.30 23.45 -0.47
C GLN A 305 21.03 23.20 0.82
N VAL A 306 21.40 24.26 1.54
CA VAL A 306 22.07 24.06 2.82
C VAL A 306 21.13 23.35 3.80
N GLY A 307 19.84 23.72 3.75
CA GLY A 307 18.83 23.13 4.61
C GLY A 307 18.62 21.65 4.27
N PHE A 308 18.59 21.36 2.98
CA PHE A 308 18.46 19.99 2.48
C PHE A 308 19.62 19.15 3.00
N ILE A 309 20.85 19.68 2.94
CA ILE A 309 22.01 18.90 3.43
C ILE A 309 21.98 18.73 4.95
N ASP A 310 21.80 19.82 5.68
CA ASP A 310 21.82 19.77 7.15
C ASP A 310 20.78 18.85 7.77
N TYR A 311 19.53 18.93 7.29
CA TYR A 311 18.40 18.22 7.88
C TYR A 311 18.09 16.81 7.33
N ILE A 312 18.37 16.59 6.03
CA ILE A 312 18.08 15.29 5.39
C ILE A 312 19.32 14.48 4.92
N VAL A 313 20.07 15.03 3.98
CA VAL A 313 21.16 14.30 3.31
C VAL A 313 22.37 13.96 4.20
N HIS A 314 22.89 14.92 4.95
CA HIS A 314 24.03 14.62 5.81
C HIS A 314 23.72 13.64 6.94
N PRO A 315 22.62 13.79 7.69
CA PRO A 315 22.33 12.86 8.79
C PRO A 315 22.21 11.42 8.28
N LEU A 316 21.70 11.25 7.06
CA LEU A 316 21.58 9.94 6.44
C LEU A 316 22.97 9.38 6.04
N TRP A 317 23.74 10.18 5.32
CA TRP A 317 25.05 9.76 4.81
C TRP A 317 26.10 9.57 5.91
N GLU A 318 25.95 10.25 7.04
CA GLU A 318 26.86 10.10 8.18
C GLU A 318 26.57 8.76 8.86
N THR A 319 25.30 8.40 8.84
CA THR A 319 24.86 7.14 9.44
C THR A 319 25.30 5.96 8.55
N TRP A 320 25.12 6.11 7.24
CA TRP A 320 25.57 5.09 6.28
C TRP A 320 27.10 4.95 6.41
N ALA A 321 27.79 6.09 6.51
CA ALA A 321 29.27 6.11 6.66
C ALA A 321 29.72 5.28 7.85
N ASP A 322 28.95 5.37 8.92
CA ASP A 322 29.19 4.65 10.15
C ASP A 322 29.00 3.14 9.95
N LEU A 323 27.96 2.77 9.20
CA LEU A 323 27.67 1.37 8.91
C LEU A 323 28.81 0.68 8.15
N VAL A 324 29.40 1.40 7.20
CA VAL A 324 30.45 0.84 6.36
C VAL A 324 31.84 1.44 6.63
N HIS A 325 32.02 2.06 7.79
CA HIS A 325 33.29 2.70 8.14
C HIS A 325 34.50 1.84 7.74
N PRO A 326 35.50 2.37 7.04
CA PRO A 326 35.59 3.76 6.57
C PRO A 326 35.36 3.98 5.06
N ASP A 327 34.66 3.09 4.38
CA ASP A 327 34.57 3.14 2.92
C ASP A 327 33.84 4.32 2.30
N ALA A 328 32.96 4.99 3.05
CA ALA A 328 32.18 6.11 2.53
C ALA A 328 32.79 7.49 2.86
N GLN A 329 34.00 7.49 3.42
CA GLN A 329 34.66 8.72 3.84
C GLN A 329 34.80 9.76 2.72
N ASP A 330 35.21 9.34 1.52
CA ASP A 330 35.35 10.24 0.36
C ASP A 330 33.99 10.83 -0.08
N ILE A 331 32.92 10.07 0.07
CA ILE A 331 31.57 10.57 -0.28
C ILE A 331 31.15 11.67 0.69
N LEU A 332 31.44 11.44 1.98
CA LEU A 332 31.10 12.37 3.05
C LEU A 332 31.91 13.67 2.95
N ASP A 333 33.17 13.55 2.52
CA ASP A 333 34.06 14.71 2.35
C ASP A 333 33.53 15.58 1.21
N THR A 334 33.05 14.96 0.15
CA THR A 334 32.52 15.69 -0.99
C THR A 334 31.23 16.40 -0.60
N LEU A 335 30.43 15.76 0.25
CA LEU A 335 29.18 16.35 0.71
C LEU A 335 29.46 17.64 1.50
N GLU A 336 30.39 17.55 2.45
CA GLU A 336 30.76 18.70 3.29
C GLU A 336 31.41 19.85 2.48
N ASP A 337 32.18 19.51 1.45
CA ASP A 337 32.83 20.49 0.57
C ASP A 337 31.73 21.27 -0.14
N ASN A 338 30.79 20.53 -0.70
CA ASN A 338 29.66 21.09 -1.42
C ASN A 338 28.75 21.95 -0.54
N ARG A 339 28.53 21.51 0.70
CA ARG A 339 27.73 22.28 1.65
C ARG A 339 28.45 23.61 1.92
N GLU A 340 29.77 23.54 2.11
CA GLU A 340 30.61 24.72 2.37
C GLU A 340 30.52 25.70 1.18
N TRP A 341 30.46 25.17 -0.04
CA TRP A 341 30.41 26.00 -1.24
C TRP A 341 29.06 26.72 -1.34
N TYR A 342 27.98 25.96 -1.24
CA TYR A 342 26.65 26.57 -1.25
C TYR A 342 26.52 27.62 -0.14
N GLN A 343 27.03 27.33 1.07
CA GLN A 343 26.94 28.31 2.17
C GLN A 343 27.64 29.63 1.79
N SER A 344 28.82 29.51 1.18
CA SER A 344 29.56 30.67 0.71
C SER A 344 28.80 31.51 -0.33
N THR A 345 27.89 30.92 -1.10
CA THR A 345 27.11 31.71 -2.05
C THR A 345 26.00 32.55 -1.39
N ILE A 346 25.72 32.30 -0.11
CA ILE A 346 24.75 33.09 0.65
C ILE A 346 25.44 34.31 1.28
N PRO A 347 25.05 35.53 0.89
CA PRO A 347 25.64 36.72 1.51
C PRO A 347 25.35 36.78 3.01
N GLN B 24 -45.99 -6.73 0.08
CA GLN B 24 -44.53 -7.03 0.08
C GLN B 24 -43.75 -5.90 0.79
N GLU B 25 -44.12 -4.66 0.50
CA GLU B 25 -43.52 -3.48 1.15
C GLU B 25 -43.85 -3.45 2.64
N ASP B 26 -45.06 -3.91 2.98
CA ASP B 26 -45.49 -3.98 4.38
C ASP B 26 -44.64 -4.99 5.14
N VAL B 27 -44.42 -6.15 4.53
CA VAL B 27 -43.64 -7.22 5.11
C VAL B 27 -42.17 -6.82 5.20
N LEU B 28 -41.69 -6.01 4.26
CA LEU B 28 -40.32 -5.52 4.27
C LEU B 28 -40.18 -4.56 5.44
N ALA B 29 -41.14 -3.65 5.58
CA ALA B 29 -41.14 -2.68 6.68
C ALA B 29 -41.17 -3.40 8.04
N LYS B 30 -41.84 -4.54 8.10
CA LYS B 30 -41.94 -5.32 9.33
C LYS B 30 -40.58 -5.94 9.68
N GLU B 31 -39.90 -6.49 8.69
CA GLU B 31 -38.60 -7.10 8.93
C GLU B 31 -37.57 -6.05 9.36
N LEU B 32 -37.68 -4.85 8.80
CA LEU B 32 -36.76 -3.74 9.08
C LEU B 32 -36.90 -3.14 10.48
N GLU B 33 -37.97 -3.48 11.19
CA GLU B 33 -38.16 -3.06 12.58
C GLU B 33 -37.10 -3.70 13.50
N ASP B 34 -36.42 -4.75 13.02
CA ASP B 34 -35.38 -5.47 13.76
C ASP B 34 -33.97 -4.95 13.52
N VAL B 35 -33.83 -3.77 12.90
CA VAL B 35 -32.52 -3.26 12.49
C VAL B 35 -31.51 -3.01 13.62
N ASN B 36 -31.99 -2.79 14.85
CA ASN B 36 -31.11 -2.59 16.01
C ASN B 36 -30.80 -3.88 16.76
N LYS B 37 -31.17 -5.02 16.19
CA LYS B 37 -30.97 -6.31 16.85
C LYS B 37 -29.98 -7.24 16.12
N TRP B 38 -29.24 -8.00 16.92
CA TRP B 38 -28.30 -9.00 16.46
C TRP B 38 -29.20 -10.14 15.98
N GLY B 39 -29.02 -10.62 14.74
CA GLY B 39 -29.87 -11.69 14.22
C GLY B 39 -30.96 -11.21 13.25
N LEU B 40 -30.85 -9.98 12.77
CA LEU B 40 -31.78 -9.49 11.75
C LEU B 40 -31.87 -10.55 10.64
N HIS B 41 -33.04 -10.69 10.06
CA HIS B 41 -33.30 -11.63 8.97
C HIS B 41 -32.81 -11.03 7.66
N VAL B 42 -31.49 -10.96 7.49
CA VAL B 42 -30.90 -10.29 6.33
C VAL B 42 -31.21 -10.91 4.96
N PHE B 43 -31.33 -12.23 4.88
CA PHE B 43 -31.64 -12.89 3.61
C PHE B 43 -33.06 -12.63 3.15
N ARG B 44 -33.99 -12.58 4.10
CA ARG B 44 -35.39 -12.25 3.80
C ARG B 44 -35.50 -10.83 3.30
N ILE B 45 -34.82 -9.90 3.97
CA ILE B 45 -34.77 -8.50 3.57
C ILE B 45 -34.21 -8.39 2.14
N ALA B 46 -33.18 -9.18 1.82
CA ALA B 46 -32.63 -9.17 0.46
C ALA B 46 -33.72 -9.51 -0.57
N GLU B 47 -34.52 -10.55 -0.30
CA GLU B 47 -35.60 -10.94 -1.21
C GLU B 47 -36.77 -9.95 -1.26
N LEU B 48 -37.25 -9.54 -0.09
CA LEU B 48 -38.38 -8.64 0.01
C LEU B 48 -38.12 -7.27 -0.60
N SER B 49 -36.84 -6.86 -0.64
CA SER B 49 -36.48 -5.55 -1.17
C SER B 49 -36.15 -5.56 -2.67
N GLY B 50 -36.34 -6.69 -3.36
CA GLY B 50 -36.02 -6.78 -4.79
C GLY B 50 -34.50 -6.80 -5.03
N ASN B 51 -33.80 -7.53 -4.16
CA ASN B 51 -32.34 -7.62 -4.14
C ASN B 51 -31.65 -6.27 -3.91
N ARG B 52 -32.17 -5.52 -2.94
CA ARG B 52 -31.60 -4.23 -2.51
C ARG B 52 -31.37 -4.21 -1.00
N PRO B 53 -30.78 -5.25 -0.40
CA PRO B 53 -30.59 -5.26 1.05
C PRO B 53 -29.67 -4.12 1.53
N LEU B 54 -28.61 -3.82 0.80
CA LEU B 54 -27.65 -2.79 1.22
C LEU B 54 -28.27 -1.40 1.16
N THR B 55 -29.00 -1.13 0.09
CA THR B 55 -29.66 0.15 -0.05
C THR B 55 -30.71 0.37 1.08
N VAL B 56 -31.57 -0.60 1.34
CA VAL B 56 -32.64 -0.38 2.33
C VAL B 56 -32.19 -0.43 3.78
N ILE B 57 -31.15 -1.21 4.09
CA ILE B 57 -30.63 -1.28 5.46
C ILE B 57 -29.83 -0.02 5.79
N MET B 58 -29.07 0.48 4.80
CA MET B 58 -28.31 1.72 4.97
C MET B 58 -29.26 2.91 5.07
N HIS B 59 -30.31 2.91 4.27
CA HIS B 59 -31.26 4.02 4.33
C HIS B 59 -31.93 4.04 5.70
N THR B 60 -32.36 2.88 6.17
CA THR B 60 -33.01 2.75 7.47
C THR B 60 -32.10 3.20 8.62
N ILE B 61 -30.81 2.86 8.55
CA ILE B 61 -29.83 3.20 9.59
C ILE B 61 -29.54 4.70 9.60
N PHE B 62 -29.35 5.29 8.42
CA PHE B 62 -29.13 6.72 8.32
C PHE B 62 -30.33 7.49 8.90
N GLN B 63 -31.55 6.99 8.70
CA GLN B 63 -32.74 7.66 9.24
C GLN B 63 -32.77 7.53 10.76
N GLU B 64 -32.48 6.31 11.22
CA GLU B 64 -32.51 5.97 12.63
C GLU B 64 -31.48 6.74 13.47
N ARG B 65 -30.29 6.98 12.90
CA ARG B 65 -29.21 7.72 13.57
C ARG B 65 -29.28 9.23 13.26
N ASP B 66 -30.25 9.61 12.44
CA ASP B 66 -30.48 10.99 12.03
C ASP B 66 -29.32 11.60 11.21
N LEU B 67 -28.61 10.75 10.47
CA LEU B 67 -27.46 11.19 9.69
C LEU B 67 -27.79 12.10 8.48
N LEU B 68 -28.95 11.96 7.84
CA LEU B 68 -29.31 12.84 6.71
C LEU B 68 -29.46 14.30 7.16
N LYS B 69 -30.02 14.52 8.34
CA LYS B 69 -30.20 15.87 8.87
C LYS B 69 -28.85 16.40 9.38
N THR B 70 -28.15 15.58 10.15
CA THR B 70 -26.87 15.96 10.73
C THR B 70 -25.82 16.39 9.70
N PHE B 71 -25.70 15.64 8.61
CA PHE B 71 -24.72 15.95 7.55
C PHE B 71 -25.33 16.53 6.26
N LYS B 72 -26.56 17.01 6.37
CA LYS B 72 -27.28 17.64 5.27
C LYS B 72 -27.25 16.86 3.96
N ILE B 73 -27.44 15.54 4.07
CA ILE B 73 -27.44 14.64 2.93
C ILE B 73 -28.82 14.60 2.29
N PRO B 74 -28.97 15.04 1.04
CA PRO B 74 -30.28 14.96 0.38
C PRO B 74 -30.66 13.49 0.20
N VAL B 75 -31.93 13.16 0.46
CA VAL B 75 -32.38 11.77 0.40
C VAL B 75 -32.20 11.13 -0.98
N ASP B 76 -32.53 11.85 -2.05
CA ASP B 76 -32.36 11.33 -3.42
C ASP B 76 -30.87 11.01 -3.72
N THR B 77 -29.97 11.82 -3.18
CA THR B 77 -28.53 11.62 -3.33
C THR B 77 -28.07 10.33 -2.64
N LEU B 78 -28.59 10.08 -1.43
CA LEU B 78 -28.24 8.89 -0.67
C LEU B 78 -28.70 7.62 -1.40
N ILE B 79 -29.94 7.60 -1.86
CA ILE B 79 -30.52 6.44 -2.56
C ILE B 79 -29.76 6.20 -3.86
N THR B 80 -29.54 7.25 -4.65
CA THR B 80 -28.78 7.13 -5.91
C THR B 80 -27.40 6.52 -5.66
N TYR B 81 -26.64 7.04 -4.70
CA TYR B 81 -25.32 6.49 -4.42
C TYR B 81 -25.40 5.04 -3.95
N LEU B 82 -26.34 4.76 -3.05
CA LEU B 82 -26.47 3.42 -2.48
C LEU B 82 -26.81 2.37 -3.53
N MET B 83 -27.70 2.70 -4.47
CA MET B 83 -28.11 1.78 -5.52
C MET B 83 -26.92 1.54 -6.47
N THR B 84 -26.17 2.59 -6.77
CA THR B 84 -25.00 2.50 -7.64
C THR B 84 -23.90 1.65 -6.96
N LEU B 85 -23.74 1.82 -5.66
CA LEU B 85 -22.76 1.05 -4.89
C LEU B 85 -23.13 -0.44 -4.91
N GLU B 86 -24.41 -0.71 -4.66
CA GLU B 86 -24.96 -2.07 -4.64
C GLU B 86 -24.80 -2.79 -5.98
N ASP B 87 -24.98 -2.06 -7.08
CA ASP B 87 -24.81 -2.59 -8.43
C ASP B 87 -23.37 -3.08 -8.68
N HIS B 88 -22.40 -2.52 -7.96
CA HIS B 88 -20.99 -2.90 -8.12
C HIS B 88 -20.55 -4.11 -7.29
N TYR B 89 -21.46 -4.62 -6.44
CA TYR B 89 -21.26 -5.92 -5.79
C TYR B 89 -21.69 -6.97 -6.85
N HIS B 90 -21.01 -8.10 -6.89
CA HIS B 90 -21.29 -9.11 -7.91
C HIS B 90 -22.42 -10.05 -7.54
N ALA B 91 -23.41 -10.11 -8.42
CA ALA B 91 -24.57 -10.97 -8.30
C ALA B 91 -24.24 -12.46 -8.30
N ASP B 92 -23.20 -12.83 -9.03
CA ASP B 92 -22.79 -14.24 -9.14
C ASP B 92 -21.69 -14.72 -8.16
N VAL B 93 -21.36 -13.91 -7.16
CA VAL B 93 -20.40 -14.32 -6.13
C VAL B 93 -21.25 -14.74 -4.91
N ALA B 94 -21.10 -15.99 -4.48
CA ALA B 94 -21.92 -16.57 -3.41
C ALA B 94 -21.83 -15.94 -2.00
N TYR B 95 -20.64 -15.54 -1.58
CA TYR B 95 -20.44 -14.94 -0.25
C TYR B 95 -20.20 -13.41 -0.30
N HIS B 96 -19.18 -12.97 -1.02
CA HIS B 96 -18.78 -11.55 -1.04
C HIS B 96 -19.61 -10.72 -2.01
N ASN B 97 -20.86 -10.53 -1.62
CA ASN B 97 -21.85 -9.83 -2.40
C ASN B 97 -22.57 -8.74 -1.59
N ASN B 98 -23.64 -8.15 -2.14
CA ASN B 98 -24.40 -7.10 -1.47
C ASN B 98 -25.06 -7.49 -0.14
N ILE B 99 -25.44 -8.76 0.00
CA ILE B 99 -26.03 -9.25 1.24
C ILE B 99 -24.96 -9.29 2.37
N HIS B 100 -23.73 -9.67 2.04
CA HIS B 100 -22.65 -9.67 3.03
C HIS B 100 -22.37 -8.20 3.44
N ALA B 101 -22.36 -7.30 2.46
CA ALA B 101 -22.11 -5.87 2.76
C ALA B 101 -23.18 -5.37 3.74
N ALA B 102 -24.45 -5.62 3.43
CA ALA B 102 -25.57 -5.18 4.27
C ALA B 102 -25.49 -5.78 5.68
N ASP B 103 -25.13 -7.05 5.78
CA ASP B 103 -24.94 -7.72 7.07
C ASP B 103 -23.85 -7.02 7.89
N VAL B 104 -22.73 -6.67 7.27
CA VAL B 104 -21.63 -6.04 7.98
C VAL B 104 -21.99 -4.62 8.44
N VAL B 105 -22.70 -3.88 7.60
CA VAL B 105 -23.20 -2.56 7.94
C VAL B 105 -24.11 -2.66 9.20
N GLN B 106 -25.03 -3.62 9.19
CA GLN B 106 -26.01 -3.75 10.28
C GLN B 106 -25.35 -4.25 11.55
N SER B 107 -24.36 -5.13 11.43
CA SER B 107 -23.66 -5.64 12.60
C SER B 107 -22.83 -4.49 13.21
N THR B 108 -22.19 -3.69 12.37
CA THR B 108 -21.42 -2.53 12.82
C THR B 108 -22.35 -1.58 13.56
N HIS B 109 -23.55 -1.35 13.00
CA HIS B 109 -24.58 -0.49 13.60
C HIS B 109 -24.96 -0.95 15.03
N VAL B 110 -25.15 -2.23 15.25
CA VAL B 110 -25.49 -2.74 16.57
C VAL B 110 -24.30 -2.55 17.52
N LEU B 111 -23.09 -2.86 17.04
CA LEU B 111 -21.88 -2.71 17.84
C LEU B 111 -21.64 -1.26 18.28
N LEU B 112 -22.02 -0.29 17.44
CA LEU B 112 -21.85 1.13 17.80
C LEU B 112 -22.77 1.57 18.94
N SER B 113 -23.91 0.88 19.10
CA SER B 113 -24.88 1.20 20.15
C SER B 113 -24.62 0.45 21.46
N THR B 114 -23.52 -0.29 21.55
CA THR B 114 -23.21 -1.00 22.79
C THR B 114 -23.12 0.01 23.97
N PRO B 115 -23.74 -0.30 25.11
CA PRO B 115 -23.71 0.61 26.26
C PRO B 115 -22.32 1.10 26.68
N ALA B 116 -21.31 0.22 26.65
CA ALA B 116 -19.95 0.60 27.06
C ALA B 116 -19.30 1.65 26.12
N LEU B 117 -19.91 1.93 24.97
CA LEU B 117 -19.39 2.94 24.04
C LEU B 117 -20.33 4.13 23.85
N GLU B 118 -21.30 4.27 24.74
CA GLU B 118 -22.26 5.38 24.68
C GLU B 118 -21.55 6.74 24.78
N ALA B 119 -21.79 7.58 23.77
CA ALA B 119 -21.24 8.93 23.65
C ALA B 119 -19.72 9.02 23.50
N VAL B 120 -19.09 7.90 23.11
CA VAL B 120 -17.65 7.87 22.92
C VAL B 120 -17.24 8.45 21.56
N PHE B 121 -17.96 8.06 20.49
CA PHE B 121 -17.63 8.45 19.12
C PHE B 121 -18.42 9.67 18.62
N THR B 122 -17.82 10.45 17.71
CA THR B 122 -18.49 11.61 17.15
C THR B 122 -19.43 11.19 16.04
N ASP B 123 -20.27 12.09 15.59
CA ASP B 123 -21.16 11.78 14.47
C ASP B 123 -20.33 11.42 13.24
N LEU B 124 -19.20 12.11 13.06
CA LEU B 124 -18.34 11.85 11.91
C LEU B 124 -17.66 10.47 12.00
N GLU B 125 -17.31 10.02 13.20
CA GLU B 125 -16.67 8.71 13.37
C GLU B 125 -17.69 7.58 13.12
N ILE B 126 -18.92 7.81 13.55
CA ILE B 126 -20.02 6.89 13.35
C ILE B 126 -20.33 6.79 11.83
N LEU B 127 -20.40 7.92 11.16
CA LEU B 127 -20.64 7.95 9.72
C LEU B 127 -19.51 7.20 8.97
N ALA B 128 -18.28 7.39 9.42
CA ALA B 128 -17.11 6.71 8.82
C ALA B 128 -17.15 5.19 8.93
N ALA B 129 -17.52 4.67 10.10
CA ALA B 129 -17.53 3.24 10.33
C ALA B 129 -18.65 2.54 9.53
N ILE B 130 -19.79 3.21 9.41
CA ILE B 130 -20.92 2.67 8.70
C ILE B 130 -20.67 2.74 7.19
N PHE B 131 -20.12 3.86 6.71
CA PHE B 131 -19.81 3.99 5.27
C PHE B 131 -18.70 2.97 4.89
N ALA B 132 -17.67 2.85 5.72
CA ALA B 132 -16.61 1.88 5.49
C ALA B 132 -17.18 0.44 5.35
N SER B 133 -18.14 0.09 6.20
CA SER B 133 -18.79 -1.22 6.19
C SER B 133 -19.55 -1.45 4.87
N ALA B 134 -20.23 -0.40 4.39
CA ALA B 134 -21.01 -0.48 3.16
C ALA B 134 -20.15 -0.75 1.91
N ILE B 135 -19.00 -0.10 1.81
CA ILE B 135 -18.08 -0.25 0.66
C ILE B 135 -16.96 -1.27 0.82
N HIS B 136 -16.82 -1.88 2.00
CA HIS B 136 -15.64 -2.70 2.36
C HIS B 136 -15.28 -3.89 1.45
N ASP B 137 -16.24 -4.43 0.71
CA ASP B 137 -15.98 -5.52 -0.25
C ASP B 137 -16.55 -5.26 -1.64
N VAL B 138 -16.76 -4.00 -2.02
CA VAL B 138 -17.37 -3.69 -3.32
C VAL B 138 -16.48 -4.18 -4.48
N ASP B 139 -17.13 -4.73 -5.51
CA ASP B 139 -16.45 -5.28 -6.70
C ASP B 139 -15.52 -6.49 -6.42
N HIS B 140 -15.81 -7.25 -5.36
CA HIS B 140 -15.07 -8.47 -4.99
C HIS B 140 -15.34 -9.54 -6.09
N PRO B 141 -14.28 -10.09 -6.68
CA PRO B 141 -14.42 -11.11 -7.74
C PRO B 141 -14.62 -12.55 -7.26
N GLY B 142 -14.63 -12.77 -5.95
CA GLY B 142 -14.86 -14.10 -5.42
C GLY B 142 -13.62 -14.95 -5.28
N VAL B 143 -12.45 -14.33 -5.36
CA VAL B 143 -11.18 -15.04 -5.14
C VAL B 143 -10.34 -14.25 -4.13
N SER B 144 -9.47 -14.95 -3.41
CA SER B 144 -8.64 -14.34 -2.38
C SER B 144 -7.46 -13.55 -2.91
N ASN B 145 -6.90 -12.71 -2.06
CA ASN B 145 -5.70 -11.95 -2.36
C ASN B 145 -4.58 -12.88 -2.83
N GLN B 146 -4.40 -14.01 -2.15
CA GLN B 146 -3.33 -14.95 -2.51
C GLN B 146 -3.51 -15.49 -3.93
N PHE B 147 -4.75 -15.82 -4.30
CA PHE B 147 -5.03 -16.33 -5.65
C PHE B 147 -4.72 -15.23 -6.67
N LEU B 148 -5.10 -13.99 -6.38
CA LEU B 148 -4.82 -12.85 -7.26
C LEU B 148 -3.31 -12.64 -7.44
N ILE B 149 -2.55 -12.81 -6.36
CA ILE B 149 -1.09 -12.68 -6.39
C ILE B 149 -0.44 -13.81 -7.19
N ASN B 150 -0.83 -15.05 -6.89
CA ASN B 150 -0.28 -16.21 -7.56
C ASN B 150 -0.58 -16.32 -9.06
N THR B 151 -1.71 -15.76 -9.50
CA THR B 151 -2.07 -15.79 -10.93
C THR B 151 -1.63 -14.53 -11.68
N ASN B 152 -0.82 -13.69 -11.02
CA ASN B 152 -0.32 -12.46 -11.64
C ASN B 152 -1.44 -11.64 -12.28
N SER B 153 -2.50 -11.44 -11.50
CA SER B 153 -3.70 -10.72 -11.93
C SER B 153 -3.44 -9.24 -12.08
N GLU B 154 -4.31 -8.59 -12.85
CA GLU B 154 -4.23 -7.17 -13.05
C GLU B 154 -4.31 -6.46 -11.71
N LEU B 155 -5.16 -6.94 -10.81
CA LEU B 155 -5.30 -6.30 -9.50
C LEU B 155 -4.01 -6.38 -8.65
N ALA B 156 -3.38 -7.54 -8.63
CA ALA B 156 -2.15 -7.73 -7.87
C ALA B 156 -0.99 -6.89 -8.43
N LEU B 157 -1.01 -6.66 -9.74
CA LEU B 157 0.02 -5.86 -10.41
C LEU B 157 -0.19 -4.38 -10.09
N MET B 158 -1.45 -3.93 -10.10
CA MET B 158 -1.76 -2.55 -9.76
C MET B 158 -1.36 -2.20 -8.33
N TYR B 159 -1.59 -3.14 -7.41
CA TYR B 159 -1.44 -2.89 -5.99
C TYR B 159 -0.24 -3.52 -5.30
N ASN B 160 0.70 -4.05 -6.08
CA ASN B 160 1.96 -4.56 -5.56
C ASN B 160 1.84 -5.60 -4.44
N ASP B 161 0.90 -6.52 -4.63
CA ASP B 161 0.66 -7.65 -3.72
C ASP B 161 0.24 -7.28 -2.29
N SER B 162 0.01 -6.00 -2.01
CA SER B 162 -0.31 -5.51 -0.67
C SER B 162 -1.78 -5.12 -0.52
N SER B 163 -2.49 -5.83 0.36
CA SER B 163 -3.91 -5.61 0.60
C SER B 163 -4.59 -5.25 -0.74
N VAL B 164 -4.43 -6.15 -1.71
CA VAL B 164 -4.86 -5.94 -3.08
C VAL B 164 -6.36 -5.64 -3.22
N LEU B 165 -7.19 -6.54 -2.72
CA LEU B 165 -8.64 -6.41 -2.78
C LEU B 165 -9.12 -5.20 -1.99
N GLU B 166 -8.61 -5.05 -0.78
CA GLU B 166 -9.04 -3.98 0.14
C GLU B 166 -8.72 -2.58 -0.39
N ASN B 167 -7.60 -2.43 -1.10
CA ASN B 167 -7.23 -1.17 -1.75
C ASN B 167 -8.22 -0.89 -2.90
N HIS B 168 -8.61 -1.96 -3.61
CA HIS B 168 -9.56 -1.86 -4.73
C HIS B 168 -10.96 -1.49 -4.25
N HIS B 169 -11.44 -2.15 -3.18
CA HIS B 169 -12.75 -1.84 -2.62
C HIS B 169 -12.87 -0.34 -2.28
N LEU B 170 -11.86 0.20 -1.60
CA LEU B 170 -11.81 1.61 -1.23
C LEU B 170 -11.85 2.51 -2.43
N ALA B 171 -11.05 2.18 -3.43
CA ALA B 171 -10.94 2.99 -4.62
C ALA B 171 -12.26 3.08 -5.39
N VAL B 172 -12.97 1.96 -5.53
CA VAL B 172 -14.25 1.95 -6.23
C VAL B 172 -15.30 2.67 -5.37
N GLY B 173 -15.28 2.39 -4.06
CA GLY B 173 -16.22 2.98 -3.14
C GLY B 173 -16.20 4.51 -3.18
N PHE B 174 -15.00 5.09 -3.18
CA PHE B 174 -14.82 6.54 -3.22
C PHE B 174 -15.11 7.07 -4.63
N LYS B 175 -14.62 6.37 -5.65
CA LYS B 175 -14.82 6.77 -7.06
C LYS B 175 -16.31 6.92 -7.42
N LEU B 176 -17.16 6.11 -6.82
CA LEU B 176 -18.59 6.13 -7.13
C LEU B 176 -19.31 7.41 -6.65
N LEU B 177 -18.75 8.08 -5.64
CA LEU B 177 -19.28 9.37 -5.14
C LEU B 177 -19.28 10.48 -6.20
N GLN B 178 -18.47 10.31 -7.26
CA GLN B 178 -18.34 11.27 -8.35
C GLN B 178 -19.37 11.09 -9.48
N GLU B 179 -20.16 10.02 -9.43
CA GLU B 179 -21.21 9.81 -10.43
C GLU B 179 -22.31 10.82 -10.17
N GLU B 180 -23.06 11.17 -11.21
CA GLU B 180 -24.13 12.15 -11.12
C GLU B 180 -25.08 11.87 -9.95
N ASN B 181 -25.33 12.93 -9.17
CA ASN B 181 -26.16 12.87 -7.96
C ASN B 181 -25.74 11.82 -6.92
N CYS B 182 -24.44 11.54 -6.80
CA CYS B 182 -23.95 10.53 -5.85
C CYS B 182 -23.09 11.05 -4.70
N ASP B 183 -22.73 12.33 -4.69
CA ASP B 183 -21.90 12.86 -3.61
C ASP B 183 -22.67 13.06 -2.29
N ILE B 184 -22.72 12.00 -1.49
CA ILE B 184 -23.43 12.06 -0.22
C ILE B 184 -22.72 12.94 0.83
N PHE B 185 -21.45 13.26 0.59
CA PHE B 185 -20.68 14.13 1.50
C PHE B 185 -20.55 15.59 0.99
N GLN B 186 -21.34 15.97 0.00
CA GLN B 186 -21.25 17.30 -0.61
C GLN B 186 -21.38 18.50 0.34
N ASN B 187 -22.07 18.31 1.47
CA ASN B 187 -22.29 19.35 2.48
C ASN B 187 -21.36 19.26 3.70
N LEU B 188 -20.41 18.33 3.68
CA LEU B 188 -19.40 18.26 4.74
C LEU B 188 -18.38 19.37 4.42
N THR B 189 -17.73 19.91 5.45
CA THR B 189 -16.68 20.90 5.23
C THR B 189 -15.47 20.14 4.71
N LYS B 190 -14.48 20.87 4.20
CA LYS B 190 -13.26 20.27 3.67
C LYS B 190 -12.55 19.47 4.73
N LYS B 191 -12.48 20.00 5.96
CA LYS B 191 -11.83 19.31 7.05
C LYS B 191 -12.54 17.99 7.43
N GLN B 192 -13.86 17.97 7.31
CA GLN B 192 -14.67 16.80 7.63
C GLN B 192 -14.47 15.70 6.58
N ARG B 193 -14.41 16.09 5.30
CA ARG B 193 -14.18 15.16 4.20
C ARG B 193 -12.77 14.54 4.26
N GLN B 194 -11.78 15.35 4.66
CA GLN B 194 -10.40 14.88 4.82
C GLN B 194 -10.31 13.86 5.97
N SER B 195 -10.90 14.19 7.11
CA SER B 195 -10.92 13.29 8.28
C SER B 195 -11.65 11.97 7.98
N LEU B 196 -12.84 12.10 7.41
CA LEU B 196 -13.65 10.93 7.07
C LEU B 196 -12.91 10.03 6.11
N ARG B 197 -12.32 10.62 5.07
CA ARG B 197 -11.58 9.84 4.09
C ARG B 197 -10.47 9.04 4.74
N LYS B 198 -9.67 9.65 5.61
CA LYS B 198 -8.59 8.92 6.30
C LYS B 198 -9.08 7.78 7.20
N MET B 199 -10.16 8.03 7.93
CA MET B 199 -10.73 7.02 8.84
C MET B 199 -11.31 5.82 8.04
N VAL B 200 -11.95 6.08 6.91
CA VAL B 200 -12.53 5.03 6.07
C VAL B 200 -11.45 4.12 5.48
N ILE B 201 -10.33 4.71 5.06
CA ILE B 201 -9.18 3.94 4.53
C ILE B 201 -8.58 3.09 5.65
N ASP B 202 -8.42 3.70 6.82
CA ASP B 202 -7.83 2.99 7.94
C ASP B 202 -8.66 1.79 8.34
N ILE B 203 -9.98 1.94 8.25
CA ILE B 203 -10.91 0.89 8.66
C ILE B 203 -10.99 -0.25 7.64
N VAL B 204 -11.15 0.08 6.37
CA VAL B 204 -11.26 -0.94 5.33
C VAL B 204 -9.95 -1.74 5.16
N LEU B 205 -8.81 -1.09 5.33
CA LEU B 205 -7.52 -1.80 5.17
C LEU B 205 -7.33 -2.78 6.32
N ALA B 206 -8.02 -2.51 7.43
CA ALA B 206 -7.96 -3.38 8.60
C ALA B 206 -8.83 -4.64 8.40
N THR B 207 -9.65 -4.71 7.34
CA THR B 207 -10.44 -5.92 7.05
C THR B 207 -9.62 -7.06 6.39
N ASP B 208 -8.40 -6.74 5.94
CA ASP B 208 -7.48 -7.71 5.35
C ASP B 208 -7.03 -8.63 6.49
N MET B 209 -7.32 -9.92 6.35
CA MET B 209 -7.01 -10.93 7.36
C MET B 209 -5.53 -11.07 7.72
N SER B 210 -4.64 -10.65 6.82
CA SER B 210 -3.21 -10.70 7.13
C SER B 210 -2.85 -9.72 8.27
N LYS B 211 -3.75 -8.77 8.54
CA LYS B 211 -3.59 -7.79 9.61
C LYS B 211 -4.27 -8.24 10.90
N HIS B 212 -4.95 -9.39 10.86
CA HIS B 212 -5.71 -9.90 12.01
C HIS B 212 -4.93 -10.07 13.30
N MET B 213 -3.80 -10.76 13.26
CA MET B 213 -3.02 -11.01 14.48
C MET B 213 -2.51 -9.74 15.13
N ASN B 214 -2.06 -8.78 14.33
CA ASN B 214 -1.57 -7.50 14.84
C ASN B 214 -2.74 -6.69 15.46
N LEU B 215 -3.90 -6.66 14.81
CA LEU B 215 -5.07 -5.96 15.33
C LEU B 215 -5.51 -6.52 16.69
N LEU B 216 -5.53 -7.84 16.81
CA LEU B 216 -5.94 -8.49 18.03
C LEU B 216 -4.96 -8.23 19.17
N ALA B 217 -3.66 -8.20 18.87
CA ALA B 217 -2.63 -7.93 19.87
C ALA B 217 -2.79 -6.51 20.44
N ASP B 218 -3.11 -5.54 19.58
CA ASP B 218 -3.34 -4.17 20.03
C ASP B 218 -4.65 -4.06 20.81
N LEU B 219 -5.69 -4.79 20.39
CA LEU B 219 -6.97 -4.77 21.09
C LEU B 219 -6.83 -5.35 22.50
N LYS B 220 -6.00 -6.38 22.66
CA LYS B 220 -5.76 -7.00 23.97
C LYS B 220 -5.01 -6.03 24.89
N THR B 221 -4.06 -5.30 24.32
CA THR B 221 -3.29 -4.30 25.07
C THR B 221 -4.24 -3.19 25.57
N MET B 222 -5.22 -2.80 24.75
CA MET B 222 -6.21 -1.79 25.13
C MET B 222 -7.08 -2.28 26.30
N VAL B 223 -7.50 -3.54 26.24
CA VAL B 223 -8.25 -4.18 27.31
C VAL B 223 -7.48 -4.19 28.65
N GLU B 224 -6.18 -4.45 28.58
CA GLU B 224 -5.34 -4.55 29.77
C GLU B 224 -4.98 -3.20 30.40
N THR B 225 -5.07 -2.12 29.61
CA THR B 225 -4.78 -0.78 30.11
C THR B 225 -6.04 0.06 30.11
N LYS B 226 -7.18 -0.60 29.92
CA LYS B 226 -8.49 0.05 29.82
C LYS B 226 -8.82 1.01 30.96
N LYS B 227 -9.38 2.15 30.58
CA LYS B 227 -9.81 3.16 31.53
C LYS B 227 -11.29 3.49 31.30
N VAL B 228 -12.04 3.60 32.39
CA VAL B 228 -13.48 3.90 32.34
C VAL B 228 -13.78 5.25 32.96
N VAL B 233 -18.37 4.02 31.16
CA VAL B 233 -18.12 4.10 29.73
C VAL B 233 -16.61 4.20 29.45
N LEU B 234 -16.18 3.68 28.30
CA LEU B 234 -14.77 3.70 27.91
C LEU B 234 -14.21 5.09 27.64
N LEU B 235 -12.98 5.28 28.09
CA LEU B 235 -12.24 6.52 27.88
C LEU B 235 -11.22 6.26 26.78
N LEU B 236 -11.34 7.00 25.69
CA LEU B 236 -10.43 6.94 24.55
C LEU B 236 -10.07 8.37 24.16
N ASP B 237 -8.89 8.82 24.56
CA ASP B 237 -8.45 10.21 24.34
C ASP B 237 -8.04 10.51 22.90
N ASN B 238 -6.92 9.92 22.46
CA ASN B 238 -6.35 10.19 21.14
C ASN B 238 -6.97 9.41 19.99
N TYR B 239 -6.65 9.85 18.77
CA TYR B 239 -7.14 9.23 17.54
C TYR B 239 -6.65 7.78 17.40
N SER B 240 -5.44 7.49 17.86
CA SER B 240 -4.89 6.14 17.75
C SER B 240 -5.75 5.08 18.45
N ASP B 241 -6.25 5.39 19.65
CA ASP B 241 -7.10 4.45 20.38
C ASP B 241 -8.48 4.35 19.73
N ARG B 242 -9.02 5.50 19.30
CA ARG B 242 -10.35 5.56 18.69
C ARG B 242 -10.43 4.77 17.38
N ILE B 243 -9.46 4.98 16.50
CA ILE B 243 -9.45 4.32 15.21
C ILE B 243 -9.22 2.83 15.40
N GLN B 244 -8.39 2.47 16.38
CA GLN B 244 -8.14 1.07 16.69
C GLN B 244 -9.42 0.36 17.13
N VAL B 245 -10.21 1.00 17.96
CA VAL B 245 -11.49 0.41 18.38
C VAL B 245 -12.42 0.25 17.17
N LEU B 246 -12.53 1.29 16.35
CA LEU B 246 -13.37 1.26 15.14
C LEU B 246 -12.90 0.20 14.12
N GLN B 247 -11.58 0.06 13.98
CA GLN B 247 -11.00 -0.91 13.07
C GLN B 247 -11.40 -2.32 13.55
N ASN B 248 -11.20 -2.58 14.84
CA ASN B 248 -11.57 -3.88 15.41
C ASN B 248 -13.08 -4.14 15.37
N MET B 249 -13.88 -3.10 15.51
CA MET B 249 -15.33 -3.21 15.49
C MET B 249 -15.80 -3.70 14.13
N VAL B 250 -15.37 -3.04 13.06
CA VAL B 250 -15.78 -3.45 11.74
C VAL B 250 -15.23 -4.86 11.43
N HIS B 251 -14.05 -5.17 11.99
CA HIS B 251 -13.41 -6.46 11.79
C HIS B 251 -14.24 -7.54 12.50
N CYS B 252 -14.75 -7.23 13.69
CA CYS B 252 -15.63 -8.15 14.41
C CYS B 252 -16.89 -8.44 13.60
N ALA B 253 -17.42 -7.40 12.97
CA ALA B 253 -18.62 -7.51 12.15
C ALA B 253 -18.37 -8.36 10.90
N ASP B 254 -17.19 -8.21 10.29
CA ASP B 254 -16.78 -9.04 9.15
C ASP B 254 -16.70 -10.51 9.56
N LEU B 255 -16.23 -10.77 10.79
CA LEU B 255 -16.12 -12.11 11.37
C LEU B 255 -17.28 -12.40 12.35
N SER B 256 -18.46 -11.83 12.07
CA SER B 256 -19.61 -12.02 12.94
C SER B 256 -20.52 -13.23 12.59
N ASN B 257 -20.34 -13.87 11.43
CA ASN B 257 -21.23 -14.97 11.04
C ASN B 257 -21.38 -16.05 12.12
N PRO B 258 -20.28 -16.63 12.63
CA PRO B 258 -20.41 -17.66 13.67
C PRO B 258 -21.08 -17.22 14.99
N THR B 259 -21.32 -15.93 15.18
CA THR B 259 -21.96 -15.41 16.40
C THR B 259 -23.47 -15.20 16.25
N LYS B 260 -23.98 -15.39 15.04
CA LYS B 260 -25.39 -15.23 14.74
C LYS B 260 -26.17 -16.52 14.98
N PRO B 261 -27.48 -16.39 15.21
CA PRO B 261 -28.38 -17.56 15.30
C PRO B 261 -28.02 -18.59 14.25
N LEU B 262 -28.04 -19.87 14.61
CA LEU B 262 -27.57 -20.96 13.76
C LEU B 262 -28.13 -20.96 12.33
N GLN B 263 -29.39 -20.65 12.18
CA GLN B 263 -30.01 -20.66 10.84
C GLN B 263 -29.36 -19.65 9.88
N LEU B 264 -28.86 -18.53 10.43
CA LEU B 264 -28.12 -17.56 9.64
C LEU B 264 -26.67 -18.03 9.40
N TYR B 265 -26.00 -18.47 10.45
CA TYR B 265 -24.62 -18.95 10.36
C TYR B 265 -24.47 -20.05 9.30
N ARG B 266 -25.32 -21.06 9.36
CA ARG B 266 -25.27 -22.13 8.37
C ARG B 266 -25.39 -21.65 6.92
N GLN B 267 -26.28 -20.70 6.64
CA GLN B 267 -26.38 -20.18 5.28
C GLN B 267 -25.08 -19.49 4.86
N TRP B 268 -24.46 -18.73 5.76
CA TRP B 268 -23.21 -18.04 5.47
C TRP B 268 -22.12 -19.08 5.19
N THR B 269 -22.15 -20.18 5.92
CA THR B 269 -21.18 -21.25 5.71
C THR B 269 -21.38 -21.88 4.34
N ASP B 270 -22.62 -22.19 3.98
CA ASP B 270 -22.88 -22.76 2.65
C ASP B 270 -22.35 -21.83 1.55
N ARG B 271 -22.49 -20.53 1.77
CA ARG B 271 -22.07 -19.56 0.76
C ARG B 271 -20.56 -19.43 0.61
N ILE B 272 -19.83 -19.37 1.73
CA ILE B 272 -18.37 -19.25 1.65
C ILE B 272 -17.77 -20.52 1.06
N MET B 273 -18.32 -21.68 1.40
CA MET B 273 -17.80 -22.93 0.83
C MET B 273 -17.98 -22.96 -0.69
N GLU B 274 -19.17 -22.56 -1.18
CA GLU B 274 -19.42 -22.48 -2.62
C GLU B 274 -18.38 -21.59 -3.30
N GLU B 275 -18.20 -20.38 -2.77
CA GLU B 275 -17.22 -19.44 -3.31
C GLU B 275 -15.79 -20.02 -3.26
N PHE B 276 -15.40 -20.62 -2.12
CA PHE B 276 -14.08 -21.23 -1.99
C PHE B 276 -13.89 -22.38 -2.99
N PHE B 277 -14.89 -23.27 -3.10
CA PHE B 277 -14.82 -24.40 -4.02
C PHE B 277 -14.65 -23.93 -5.48
N ARG B 278 -15.34 -22.85 -5.85
CA ARG B 278 -15.21 -22.27 -7.18
C ARG B 278 -13.81 -21.73 -7.42
N GLN B 279 -13.17 -21.17 -6.39
CA GLN B 279 -11.79 -20.72 -6.52
C GLN B 279 -10.90 -21.96 -6.69
N GLY B 280 -11.19 -23.02 -5.93
CA GLY B 280 -10.45 -24.25 -6.03
C GLY B 280 -10.53 -24.89 -7.41
N ASP B 281 -11.70 -24.83 -8.05
CA ASP B 281 -11.84 -25.40 -9.40
C ASP B 281 -10.98 -24.63 -10.39
N ARG B 282 -10.84 -23.31 -10.18
CA ARG B 282 -10.00 -22.47 -11.04
C ARG B 282 -8.52 -22.78 -10.81
N GLU B 283 -8.17 -23.07 -9.56
CA GLU B 283 -6.81 -23.44 -9.19
C GLU B 283 -6.45 -24.79 -9.80
N ARG B 284 -7.40 -25.73 -9.78
CA ARG B 284 -7.19 -27.06 -10.35
C ARG B 284 -7.02 -27.03 -11.86
N GLU B 285 -7.79 -26.17 -12.54
CA GLU B 285 -7.72 -26.02 -13.98
C GLU B 285 -6.36 -25.46 -14.44
N ARG B 286 -5.74 -24.64 -13.60
CA ARG B 286 -4.45 -24.02 -13.87
C ARG B 286 -3.25 -24.89 -13.48
N GLY B 287 -3.50 -26.06 -12.91
CA GLY B 287 -2.43 -26.94 -12.45
C GLY B 287 -1.82 -26.47 -11.14
N MET B 288 -2.47 -25.52 -10.46
CA MET B 288 -1.99 -24.99 -9.18
C MET B 288 -2.35 -25.92 -8.03
N GLU B 289 -1.72 -25.68 -6.89
CA GLU B 289 -2.06 -26.38 -5.68
C GLU B 289 -3.39 -25.78 -5.19
N ILE B 290 -4.32 -26.61 -4.73
CA ILE B 290 -5.62 -26.12 -4.28
C ILE B 290 -5.50 -25.59 -2.84
N SER B 291 -5.95 -24.35 -2.64
CA SER B 291 -5.86 -23.70 -1.33
C SER B 291 -6.73 -24.40 -0.28
N PRO B 292 -6.39 -24.27 1.00
CA PRO B 292 -7.14 -24.91 2.07
C PRO B 292 -8.62 -24.51 2.03
N MET B 293 -9.51 -25.48 2.22
CA MET B 293 -10.98 -25.29 2.19
C MET B 293 -11.55 -25.03 0.79
N CYS B 294 -10.71 -25.11 -0.25
CA CYS B 294 -11.16 -24.83 -1.62
C CYS B 294 -11.33 -26.06 -2.51
N ASP B 295 -11.09 -27.24 -1.95
CA ASP B 295 -11.17 -28.50 -2.69
C ASP B 295 -12.45 -29.27 -2.35
N LYS B 296 -13.41 -29.24 -3.28
CA LYS B 296 -14.71 -29.90 -3.11
C LYS B 296 -14.62 -31.43 -3.00
N HIS B 297 -13.46 -31.99 -3.37
CA HIS B 297 -13.23 -33.44 -3.31
C HIS B 297 -12.50 -33.89 -2.05
N ASN B 298 -11.92 -32.96 -1.29
CA ASN B 298 -11.23 -33.28 -0.03
C ASN B 298 -11.59 -32.31 1.11
N ALA B 299 -12.85 -31.90 1.16
CA ALA B 299 -13.29 -30.93 2.16
C ALA B 299 -13.77 -31.55 3.49
N SER B 300 -13.62 -30.78 4.57
CA SER B 300 -14.09 -31.14 5.91
C SER B 300 -14.73 -29.88 6.51
N VAL B 301 -15.92 -29.56 6.01
CA VAL B 301 -16.66 -28.35 6.37
C VAL B 301 -16.89 -28.12 7.87
N GLU B 302 -17.26 -29.16 8.58
CA GLU B 302 -17.54 -29.08 10.00
C GLU B 302 -16.26 -28.78 10.76
N LYS B 303 -15.25 -29.62 10.53
CA LYS B 303 -13.93 -29.47 11.14
C LYS B 303 -13.38 -28.07 10.90
N SER B 304 -13.54 -27.55 9.66
CA SER B 304 -13.02 -26.22 9.32
C SER B 304 -13.73 -25.10 10.07
N GLN B 305 -15.04 -25.24 10.30
CA GLN B 305 -15.74 -24.22 11.09
C GLN B 305 -15.21 -24.22 12.54
N VAL B 306 -15.09 -25.39 13.16
CA VAL B 306 -14.53 -25.46 14.52
C VAL B 306 -13.11 -24.86 14.57
N GLY B 307 -12.32 -25.10 13.51
CA GLY B 307 -10.99 -24.53 13.40
C GLY B 307 -11.03 -23.01 13.26
N PHE B 308 -11.98 -22.52 12.45
CA PHE B 308 -12.17 -21.08 12.21
C PHE B 308 -12.58 -20.36 13.49
N ILE B 309 -13.48 -20.98 14.26
CA ILE B 309 -13.91 -20.41 15.53
C ILE B 309 -12.76 -20.47 16.56
N ASP B 310 -12.15 -21.64 16.73
CA ASP B 310 -11.09 -21.81 17.74
C ASP B 310 -9.87 -20.91 17.56
N TYR B 311 -9.43 -20.72 16.31
CA TYR B 311 -8.18 -20.00 16.05
C TYR B 311 -8.32 -18.52 15.71
N ILE B 312 -9.47 -18.12 15.15
CA ILE B 312 -9.68 -16.74 14.72
C ILE B 312 -10.86 -16.03 15.39
N VAL B 313 -12.07 -16.58 15.24
CA VAL B 313 -13.28 -15.90 15.68
C VAL B 313 -13.45 -15.76 17.19
N HIS B 314 -13.26 -16.85 17.93
CA HIS B 314 -13.41 -16.82 19.38
C HIS B 314 -12.34 -15.97 20.10
N PRO B 315 -11.04 -16.10 19.79
CA PRO B 315 -10.04 -15.22 20.41
C PRO B 315 -10.33 -13.71 20.20
N LEU B 316 -10.85 -13.33 19.03
CA LEU B 316 -11.21 -11.94 18.76
C LEU B 316 -12.45 -11.50 19.56
N TRP B 317 -13.56 -12.24 19.44
CA TRP B 317 -14.81 -11.88 20.15
C TRP B 317 -14.74 -11.98 21.68
N GLU B 318 -13.84 -12.82 22.19
CA GLU B 318 -13.63 -12.94 23.62
C GLU B 318 -12.93 -11.66 24.08
N THR B 319 -12.04 -11.14 23.24
CA THR B 319 -11.30 -9.92 23.55
C THR B 319 -12.25 -8.72 23.40
N TRP B 320 -13.10 -8.72 22.39
CA TRP B 320 -14.04 -7.62 22.22
C TRP B 320 -14.99 -7.59 23.42
N ALA B 321 -15.48 -8.77 23.82
CA ALA B 321 -16.40 -8.92 24.95
C ALA B 321 -15.75 -8.50 26.28
N ASP B 322 -14.44 -8.64 26.39
CA ASP B 322 -13.71 -8.21 27.57
C ASP B 322 -13.71 -6.67 27.63
N LEU B 323 -13.49 -6.04 26.48
CA LEU B 323 -13.44 -4.58 26.38
C LEU B 323 -14.76 -3.90 26.76
N VAL B 324 -15.88 -4.49 26.34
CA VAL B 324 -17.22 -3.93 26.59
C VAL B 324 -18.04 -4.70 27.66
N HIS B 325 -17.37 -5.52 28.44
CA HIS B 325 -18.01 -6.40 29.45
C HIS B 325 -19.05 -5.69 30.33
N PRO B 326 -20.25 -6.26 30.50
CA PRO B 326 -20.72 -7.52 29.90
C PRO B 326 -21.69 -7.38 28.69
N ASP B 327 -21.63 -6.28 27.97
CA ASP B 327 -22.56 -6.02 26.84
C ASP B 327 -22.65 -7.13 25.78
N ALA B 328 -21.54 -7.79 25.52
CA ALA B 328 -21.44 -8.81 24.48
C ALA B 328 -21.59 -10.26 24.95
N GLN B 329 -22.01 -10.49 26.20
CA GLN B 329 -22.09 -11.85 26.71
C GLN B 329 -23.03 -12.75 25.89
N ASP B 330 -24.15 -12.22 25.46
CA ASP B 330 -25.10 -13.03 24.69
C ASP B 330 -24.51 -13.41 23.34
N ILE B 331 -23.72 -12.52 22.75
CA ILE B 331 -23.08 -12.78 21.46
C ILE B 331 -22.02 -13.87 21.62
N LEU B 332 -21.24 -13.79 22.69
CA LEU B 332 -20.19 -14.76 22.94
C LEU B 332 -20.76 -16.14 23.26
N ASP B 333 -21.87 -16.19 23.99
CA ASP B 333 -22.52 -17.46 24.33
C ASP B 333 -23.06 -18.11 23.06
N THR B 334 -23.61 -17.31 22.16
CA THR B 334 -24.17 -17.86 20.93
C THR B 334 -23.03 -18.47 20.11
N LEU B 335 -21.91 -17.76 20.03
CA LEU B 335 -20.73 -18.27 19.32
C LEU B 335 -20.27 -19.60 19.91
N GLU B 336 -20.26 -19.72 21.24
CA GLU B 336 -19.79 -20.93 21.91
C GLU B 336 -20.74 -22.11 21.64
N ASP B 337 -22.04 -21.85 21.66
CA ASP B 337 -23.05 -22.86 21.37
C ASP B 337 -22.93 -23.35 19.93
N ASN B 338 -22.68 -22.43 19.02
CA ASN B 338 -22.55 -22.75 17.60
C ASN B 338 -21.26 -23.56 17.37
N ARG B 339 -20.22 -23.28 18.15
CA ARG B 339 -18.98 -24.03 18.04
C ARG B 339 -19.25 -25.49 18.50
N GLU B 340 -19.94 -25.65 19.63
CA GLU B 340 -20.27 -26.99 20.15
C GLU B 340 -21.16 -27.75 19.20
N TRP B 341 -22.05 -27.03 18.50
CA TRP B 341 -22.95 -27.66 17.55
C TRP B 341 -22.16 -28.23 16.37
N TYR B 342 -21.33 -27.40 15.76
CA TYR B 342 -20.51 -27.92 14.66
C TYR B 342 -19.65 -29.09 15.12
N GLN B 343 -19.09 -29.02 16.33
CA GLN B 343 -18.22 -30.08 16.82
C GLN B 343 -18.97 -31.40 17.01
N SER B 344 -20.22 -31.32 17.47
CA SER B 344 -21.05 -32.50 17.72
C SER B 344 -21.40 -33.25 16.43
N THR B 345 -21.35 -32.58 15.28
CA THR B 345 -21.64 -33.26 14.01
C THR B 345 -20.48 -34.11 13.49
N ILE B 346 -19.24 -33.70 13.80
CA ILE B 346 -18.03 -34.38 13.28
C ILE B 346 -17.97 -35.91 13.42
N PRO B 347 -18.08 -36.45 14.65
CA PRO B 347 -17.96 -37.90 14.88
C PRO B 347 -18.69 -38.81 13.89
ZN ZN C . 14.05 9.19 -7.35
MG MG D . 10.57 8.78 -6.23
O19 5DE E . 17.02 19.82 -3.40
C15 5DE E . 16.88 18.73 -3.90
O16 5DE E . 17.74 18.23 -4.79
C17 5DE E . 18.91 19.01 -5.10
C18 5DE E . 19.76 18.29 -6.16
C7 5DE E . 15.75 17.85 -3.46
C8 5DE E . 14.80 18.09 -2.46
N10 5DE E . 13.98 17.04 -2.37
C9 5DE E . 14.63 19.30 -1.56
C5 5DE E . 15.43 16.58 -3.95
C6 5DE E . 16.14 15.82 -5.07
N4 5DE E . 14.37 16.14 -3.28
C3 5DE E . 13.77 14.95 -3.43
C2 5DE E . 12.60 14.75 -4.21
C1 5DE E . 12.05 13.47 -4.29
C11 5DE E . 14.36 13.87 -2.76
C12 5DE E . 13.80 12.59 -2.86
C13 5DE E . 12.66 12.38 -3.62
N14 5DE E . 12.17 11.14 -3.69
C1 EDO F . 4.71 -7.48 -0.87
O1 EDO F . 5.09 -8.83 -0.88
C2 EDO F . 5.90 -6.61 -0.51
O2 EDO F . 6.20 -6.78 0.86
C1 EDO G . 16.24 14.36 -20.51
O1 EDO G . 15.97 15.64 -19.99
C2 EDO G . 15.03 13.50 -20.23
O2 EDO G . 14.92 12.51 -21.23
C1 EDO H . 30.39 3.68 0.65
O1 EDO H . 29.31 2.77 0.60
C2 EDO H . 31.48 3.17 -0.26
O2 EDO H . 31.59 4.05 -1.34
C1 EDO I . 26.16 -15.29 1.32
O1 EDO I . 27.20 -14.49 1.83
C2 EDO I . 25.84 -14.84 -0.09
O2 EDO I . 26.98 -15.05 -0.89
C1 EDO J . 9.68 -11.71 -11.38
O1 EDO J . 9.03 -12.57 -12.31
C2 EDO J . 9.06 -10.33 -11.51
O2 EDO J . 7.73 -10.36 -11.07
C1 EDO K . 7.68 19.43 -3.79
O1 EDO K . 6.86 18.63 -2.99
C2 EDO K . 8.70 20.05 -2.89
O2 EDO K . 8.02 20.83 -1.93
C1 EDO L . 1.54 9.23 -14.54
O1 EDO L . 2.22 10.32 -15.11
C2 EDO L . 0.26 8.98 -15.31
O2 EDO L . -0.60 10.08 -15.08
C1 EDO M . 11.39 16.19 0.00
O1 EDO M . 11.39 17.14 -1.05
C2 EDO M . 12.75 16.17 0.64
O2 EDO M . 12.85 17.24 1.56
ZN ZN N . -16.04 -8.77 4.24
MG MG O . -12.89 -8.15 2.41
O19 5DE P . -15.54 -20.17 7.14
C15 5DE P . -15.75 -18.98 7.04
O16 5DE P . -16.93 -18.42 7.32
C17 5DE P . -18.00 -19.28 7.72
C18 5DE P . -19.37 -18.55 7.65
C7 5DE P . -14.63 -18.04 6.61
C8 5DE P . -13.25 -18.32 6.53
N10 5DE P . -12.61 -17.21 6.14
C9 5DE P . -12.51 -19.62 6.82
C5 5DE P . -14.75 -16.70 6.26
C6 5DE P . -16.04 -15.88 6.19
N4 5DE P . -13.52 -16.25 5.96
C3 5DE P . -13.21 -14.98 5.64
C2 5DE P . -13.12 -14.49 4.33
C1 5DE P . -12.81 -13.15 4.12
C11 5DE P . -12.96 -14.12 6.70
C12 5DE P . -12.64 -12.77 6.49
C13 5DE P . -12.57 -12.27 5.20
N14 5DE P . -12.25 -10.97 5.00
C1 EDO Q . -23.32 -30.24 9.34
O1 EDO Q . -24.37 -30.76 8.56
C2 EDO Q . -23.08 -28.80 8.97
O2 EDO Q . -22.23 -28.74 7.83
C1 EDO R . -33.66 -17.44 15.84
O1 EDO R . -33.11 -16.78 16.95
C2 EDO R . -35.06 -17.85 16.21
O2 EDO R . -35.94 -16.85 15.75
C1 EDO S . -9.15 -19.40 0.57
O1 EDO S . -8.76 -18.07 0.82
C2 EDO S . -9.27 -20.13 1.90
O2 EDO S . -8.05 -20.77 2.18
C1 EDO T . -14.89 11.87 1.41
O1 EDO T . -15.10 13.16 0.90
C2 EDO T . -14.31 11.05 0.28
O2 EDO T . -13.10 11.64 -0.11
C1 EDO U . -17.58 -16.72 -6.70
O1 EDO U . -16.81 -16.87 -7.87
C2 EDO U . -18.54 -17.87 -6.64
O2 EDO U . -19.25 -17.90 -5.43
C1 EDO V . -26.58 -11.54 -5.33
O1 EDO V . -26.92 -10.21 -5.63
C2 EDO V . -26.95 -11.85 -3.91
O2 EDO V . -28.34 -11.62 -3.78
#